data_6C7F
#
_entry.id   6C7F
#
_cell.length_a   167.248
_cell.length_b   73.004
_cell.length_c   91.953
_cell.angle_alpha   90.000
_cell.angle_beta   110.330
_cell.angle_gamma   90.000
#
_symmetry.space_group_name_H-M   'C 1 2 1'
#
loop_
_entity.id
_entity.type
_entity.pdbx_description
1 polymer "cGMP-dependent 3',5'-cyclic phosphodiesterase"
2 non-polymer 1-[2-chloro-5-(2-methylpropoxy)phenyl]-N,4-dimethyl[1,2,4]triazolo[4,3-a]quinoxaline-8-carboxamide
3 non-polymer 'ZINC ION'
4 non-polymer 'MAGNESIUM ION'
5 water water
#
_entity_poly.entity_id   1
_entity_poly.type   'polypeptide(L)'
_entity_poly.pdbx_seq_one_letter_code
;SAMDDEYTKLLHDGIQPVAAIDSNFASFTYTPRSLPEDDTSMAILSMLQDMNFINNYKIDCPTLARFCLMVKKGYRDPPY
HNWMHAFSVSHFCYLLYKNLELTNYLEDIEIFALFISCMCHDLDHRGTNNSFQVASKSVLAALYSSEGSVMERHHFAQAI
AILNTHGCNIFDHFSRKDYQRMLDLMRDIILATDLAHHLRIFKDLQKMAEVGYDRNNKQHHRLLLCLLMTSCDLSDQTKG
WKTTRKIAELIYKEFFSQGDLEKAMGNRPMEMMDREKAYIPELQISFMEHIAMPIYKLLQDLFPKAAELYERVASNREHW
TKVSHKFTIRGLPSNNSLDFLD
;
_entity_poly.pdbx_strand_id   A,B,C
#
loop_
_chem_comp.id
_chem_comp.type
_chem_comp.name
_chem_comp.formula
EOS non-polymer 1-[2-chloro-5-(2-methylpropoxy)phenyl]-N,4-dimethyl[1,2,4]triazolo[4,3-a]quinoxaline-8-carboxamide 'C22 H22 Cl N5 O2'
MG non-polymer 'MAGNESIUM ION' 'Mg 2'
ZN non-polymer 'ZINC ION' 'Zn 2'
#
# COMPACT_ATOMS: atom_id res chain seq x y z
N ASP A 4 9.37 -15.63 -11.71
CA ASP A 4 9.90 -15.44 -13.06
C ASP A 4 10.01 -16.76 -13.82
N ASP A 5 10.29 -17.83 -13.09
CA ASP A 5 10.36 -19.15 -13.70
C ASP A 5 8.95 -19.64 -13.99
N GLU A 6 8.02 -19.21 -13.15
CA GLU A 6 6.60 -19.39 -13.39
C GLU A 6 6.24 -18.74 -14.73
N TYR A 7 6.76 -17.53 -14.94
CA TYR A 7 6.54 -16.82 -16.19
C TYR A 7 7.08 -17.59 -17.40
N THR A 8 8.35 -17.98 -17.34
CA THR A 8 8.98 -18.65 -18.49
C THR A 8 8.24 -19.93 -18.81
N LYS A 9 7.82 -20.66 -17.78
CA LYS A 9 7.10 -21.90 -18.00
C LYS A 9 5.71 -21.67 -18.57
N LEU A 10 5.01 -20.66 -18.06
CA LEU A 10 3.69 -20.34 -18.54
C LEU A 10 3.70 -19.91 -20.01
N LEU A 11 4.78 -19.24 -20.43
CA LEU A 11 4.92 -18.76 -21.79
C LEU A 11 5.35 -19.82 -22.81
N HIS A 12 6.13 -20.80 -22.38
CA HIS A 12 6.85 -21.65 -23.32
C HIS A 12 6.53 -23.14 -23.27
N ASP A 13 5.83 -23.57 -22.22
CA ASP A 13 5.53 -24.98 -22.02
C ASP A 13 4.26 -25.43 -22.76
N GLY A 14 3.35 -24.50 -23.00
CA GLY A 14 2.10 -24.82 -23.68
C GLY A 14 0.98 -25.08 -22.69
N ILE A 15 -0.26 -24.91 -23.15
CA ILE A 15 -1.41 -25.06 -22.28
C ILE A 15 -1.82 -26.52 -22.15
N GLN A 16 -1.69 -27.05 -20.94
CA GLN A 16 -2.06 -28.42 -20.61
C GLN A 16 -3.58 -28.61 -20.68
N PRO A 17 -4.03 -29.72 -21.28
CA PRO A 17 -5.45 -30.08 -21.28
C PRO A 17 -5.95 -30.28 -19.84
N VAL A 18 -7.17 -29.84 -19.55
CA VAL A 18 -7.72 -30.00 -18.21
C VAL A 18 -7.79 -31.45 -17.73
N ALA A 19 -8.07 -32.38 -18.63
CA ALA A 19 -8.12 -33.80 -18.25
C ALA A 19 -6.77 -34.22 -17.68
N ALA A 20 -5.70 -33.63 -18.21
CA ALA A 20 -4.35 -33.98 -17.77
C ALA A 20 -4.03 -33.43 -16.39
N ILE A 21 -4.79 -32.40 -15.96
CA ILE A 21 -4.67 -31.87 -14.61
C ILE A 21 -5.29 -32.87 -13.64
N ASP A 22 -6.54 -33.24 -13.93
CA ASP A 22 -7.27 -34.18 -13.10
C ASP A 22 -8.46 -34.72 -13.88
N SER A 23 -8.69 -36.02 -13.80
CA SER A 23 -9.79 -36.66 -14.54
C SER A 23 -11.14 -36.14 -14.05
N ASN A 24 -11.13 -35.62 -12.82
CA ASN A 24 -12.31 -35.11 -12.15
C ASN A 24 -12.35 -33.59 -12.16
N PHE A 25 -11.50 -32.95 -12.97
CA PHE A 25 -11.28 -31.51 -12.82
C PHE A 25 -12.53 -30.68 -13.08
N ALA A 26 -13.45 -31.18 -13.91
CA ALA A 26 -14.66 -30.42 -14.23
C ALA A 26 -15.88 -30.88 -13.44
N SER A 27 -15.65 -31.67 -12.39
CA SER A 27 -16.74 -32.15 -11.57
C SER A 27 -16.93 -31.29 -10.32
N PHE A 28 -18.17 -31.13 -9.89
CA PHE A 28 -18.46 -30.44 -8.63
C PHE A 28 -17.81 -31.09 -7.42
N THR A 29 -17.37 -32.34 -7.57
CA THR A 29 -16.77 -33.05 -6.46
C THR A 29 -15.29 -32.72 -6.32
N TYR A 30 -14.71 -32.12 -7.36
CA TYR A 30 -13.30 -31.74 -7.34
C TYR A 30 -13.00 -30.58 -6.38
N THR A 31 -11.88 -30.68 -5.66
CA THR A 31 -11.49 -29.62 -4.73
C THR A 31 -10.26 -28.90 -5.28
N PRO A 32 -10.45 -27.72 -5.90
CA PRO A 32 -9.36 -27.01 -6.57
C PRO A 32 -8.22 -26.63 -5.62
N ARG A 33 -8.49 -26.59 -4.32
CA ARG A 33 -7.46 -26.27 -3.35
C ARG A 33 -6.44 -27.40 -3.19
N SER A 34 -6.76 -28.59 -3.72
CA SER A 34 -5.83 -29.71 -3.78
C SER A 34 -4.73 -29.51 -4.82
N LEU A 35 -4.92 -28.56 -5.73
CA LEU A 35 -3.91 -28.32 -6.76
C LEU A 35 -2.77 -27.53 -6.16
N PRO A 36 -1.53 -27.98 -6.40
CA PRO A 36 -0.36 -27.22 -5.93
C PRO A 36 -0.42 -25.79 -6.43
N GLU A 37 -0.12 -24.85 -5.55
CA GLU A 37 -0.30 -23.44 -5.88
C GLU A 37 0.56 -23.05 -7.09
N ASP A 38 1.68 -23.75 -7.28
CA ASP A 38 2.56 -23.49 -8.42
C ASP A 38 1.94 -23.82 -9.76
N ASP A 39 0.92 -24.68 -9.75
CA ASP A 39 0.30 -25.15 -11.00
C ASP A 39 -0.96 -24.37 -11.35
N THR A 40 -1.34 -23.42 -10.49
CA THR A 40 -2.65 -22.76 -10.63
C THR A 40 -2.72 -21.78 -11.80
N SER A 41 -1.62 -21.09 -12.12
CA SER A 41 -1.66 -20.16 -13.25
C SER A 41 -1.86 -20.94 -14.54
N MET A 42 -1.17 -22.07 -14.64
CA MET A 42 -1.38 -23.02 -15.75
C MET A 42 -2.82 -23.51 -15.82
N ALA A 43 -3.41 -23.83 -14.67
CA ALA A 43 -4.81 -24.29 -14.65
C ALA A 43 -5.76 -23.18 -15.08
N ILE A 44 -5.41 -21.93 -14.80
CA ILE A 44 -6.23 -20.81 -15.24
C ILE A 44 -6.28 -20.80 -16.79
N LEU A 45 -5.12 -20.95 -17.41
CA LEU A 45 -5.05 -20.99 -18.88
C LEU A 45 -5.78 -22.21 -19.44
N SER A 46 -5.63 -23.36 -18.78
CA SER A 46 -6.31 -24.59 -19.19
C SER A 46 -7.82 -24.42 -19.18
N MET A 47 -8.33 -23.79 -18.13
CA MET A 47 -9.76 -23.56 -18.02
C MET A 47 -10.28 -22.62 -19.12
N LEU A 48 -9.56 -21.53 -19.37
CA LEU A 48 -9.94 -20.59 -20.43
C LEU A 48 -9.88 -21.25 -21.80
N GLN A 49 -8.86 -22.09 -22.00
CA GLN A 49 -8.74 -22.85 -23.25
C GLN A 49 -9.88 -23.85 -23.39
N ASP A 50 -10.21 -24.53 -22.31
CA ASP A 50 -11.27 -25.53 -22.36
C ASP A 50 -12.65 -24.92 -22.61
N MET A 51 -12.86 -23.69 -22.15
CA MET A 51 -14.09 -22.94 -22.42
C MET A 51 -14.05 -22.26 -23.78
N ASN A 52 -12.92 -22.44 -24.47
CA ASN A 52 -12.68 -21.90 -25.82
C ASN A 52 -12.60 -20.38 -25.91
N PHE A 53 -12.41 -19.70 -24.78
CA PHE A 53 -12.37 -18.24 -24.77
C PHE A 53 -11.13 -17.67 -25.41
N ILE A 54 -10.01 -18.37 -25.27
CA ILE A 54 -8.77 -17.92 -25.89
C ILE A 54 -8.94 -17.80 -27.41
N ASN A 55 -9.44 -18.85 -28.06
CA ASN A 55 -9.74 -18.82 -29.50
C ASN A 55 -10.94 -17.92 -29.86
N ASN A 56 -12.05 -18.12 -29.14
CA ASN A 56 -13.24 -17.27 -29.26
C ASN A 56 -12.93 -15.79 -29.38
N TYR A 57 -12.24 -15.25 -28.38
CA TYR A 57 -11.99 -13.82 -28.30
C TYR A 57 -10.61 -13.43 -28.80
N LYS A 58 -9.92 -14.37 -29.45
CA LYS A 58 -8.61 -14.10 -30.06
C LYS A 58 -7.63 -13.50 -29.05
N ILE A 59 -7.63 -14.08 -27.85
CA ILE A 59 -6.79 -13.59 -26.77
C ILE A 59 -5.32 -13.88 -27.07
N ASP A 60 -4.46 -12.89 -26.87
CA ASP A 60 -3.04 -13.12 -26.99
C ASP A 60 -2.55 -13.91 -25.78
N CYS A 61 -1.98 -15.09 -26.02
CA CYS A 61 -1.59 -15.99 -24.91
C CYS A 61 -0.45 -15.42 -24.05
N PRO A 62 0.61 -14.87 -24.68
CA PRO A 62 1.59 -14.17 -23.85
C PRO A 62 0.96 -13.09 -22.96
N THR A 63 0.02 -12.32 -23.51
CA THR A 63 -0.64 -11.27 -22.74
C THR A 63 -1.49 -11.88 -21.61
N LEU A 64 -2.18 -12.97 -21.94
CA LEU A 64 -3.01 -13.66 -20.98
C LEU A 64 -2.15 -14.26 -19.85
N ALA A 65 -1.00 -14.81 -20.24
CA ALA A 65 -0.05 -15.35 -19.27
C ALA A 65 0.42 -14.28 -18.29
N ARG A 66 0.86 -13.14 -18.84
CA ARG A 66 1.33 -12.01 -18.03
C ARG A 66 0.23 -11.51 -17.09
N PHE A 67 -0.96 -11.31 -17.65
CA PHE A 67 -2.12 -10.89 -16.88
C PHE A 67 -2.41 -11.86 -15.76
N CYS A 68 -2.38 -13.15 -16.07
CA CYS A 68 -2.64 -14.17 -15.05
C CYS A 68 -1.67 -14.09 -13.88
N LEU A 69 -0.37 -13.95 -14.19
CA LEU A 69 0.63 -13.88 -13.13
C LEU A 69 0.55 -12.57 -12.36
N MET A 70 0.21 -11.47 -13.04
CA MET A 70 -0.01 -10.21 -12.35
C MET A 70 -1.14 -10.29 -11.34
N VAL A 71 -2.21 -10.97 -11.73
CA VAL A 71 -3.37 -11.12 -10.86
C VAL A 71 -2.98 -11.98 -9.66
N LYS A 72 -2.33 -13.11 -9.92
CA LYS A 72 -1.84 -14.01 -8.87
C LYS A 72 -0.94 -13.29 -7.86
N LYS A 73 0.03 -12.52 -8.36
CA LYS A 73 0.96 -11.82 -7.48
C LYS A 73 0.31 -10.57 -6.89
N GLY A 74 -0.90 -10.25 -7.35
CA GLY A 74 -1.66 -9.13 -6.80
C GLY A 74 -2.41 -9.49 -5.52
N TYR A 75 -2.35 -10.75 -5.11
CA TYR A 75 -2.92 -11.17 -3.82
C TYR A 75 -1.87 -11.20 -2.73
N ARG A 76 -2.27 -10.75 -1.54
CA ARG A 76 -1.43 -10.88 -0.37
C ARG A 76 -1.59 -12.26 0.24
N ASP A 77 -1.12 -12.45 1.48
CA ASP A 77 -1.19 -13.80 2.06
C ASP A 77 -1.89 -13.86 3.43
N PRO A 78 -3.07 -13.23 3.57
CA PRO A 78 -3.80 -13.47 4.81
C PRO A 78 -4.30 -14.90 4.79
N PRO A 79 -4.78 -15.42 5.93
CA PRO A 79 -5.13 -16.84 5.99
C PRO A 79 -6.20 -17.27 4.98
N TYR A 80 -7.18 -16.43 4.66
CA TYR A 80 -8.25 -16.85 3.76
C TYR A 80 -8.23 -16.09 2.42
N HIS A 81 -8.14 -14.77 2.47
CA HIS A 81 -8.29 -13.99 1.23
C HIS A 81 -6.98 -13.85 0.47
N ASN A 82 -6.49 -15.00 -0.01
CA ASN A 82 -5.25 -15.09 -0.77
C ASN A 82 -5.53 -15.59 -2.19
N TRP A 83 -4.47 -15.80 -2.96
CA TRP A 83 -4.66 -16.26 -4.33
C TRP A 83 -5.39 -17.61 -4.40
N MET A 84 -5.09 -18.55 -3.51
CA MET A 84 -5.74 -19.86 -3.56
C MET A 84 -7.26 -19.72 -3.40
N HIS A 85 -7.71 -18.70 -2.69
CA HIS A 85 -9.14 -18.38 -2.68
C HIS A 85 -9.64 -17.92 -4.06
N ALA A 86 -8.93 -16.96 -4.65
CA ALA A 86 -9.34 -16.46 -5.96
C ALA A 86 -9.35 -17.59 -7.01
N PHE A 87 -8.31 -18.41 -6.98
CA PHE A 87 -8.22 -19.57 -7.85
C PHE A 87 -9.41 -20.54 -7.69
N SER A 88 -9.73 -20.92 -6.45
CA SER A 88 -10.82 -21.88 -6.26
C SER A 88 -12.15 -21.22 -6.62
N VAL A 89 -12.29 -19.92 -6.40
CA VAL A 89 -13.51 -19.22 -6.86
C VAL A 89 -13.61 -19.23 -8.41
N SER A 90 -12.48 -18.97 -9.08
CA SER A 90 -12.43 -19.01 -10.55
C SER A 90 -12.72 -20.43 -11.07
N HIS A 91 -12.17 -21.43 -10.40
CA HIS A 91 -12.43 -22.81 -10.80
C HIS A 91 -13.92 -23.14 -10.68
N PHE A 92 -14.60 -22.59 -9.66
CA PHE A 92 -16.04 -22.87 -9.53
C PHE A 92 -16.81 -22.23 -10.67
N CYS A 93 -16.39 -21.04 -11.06
CA CYS A 93 -16.99 -20.40 -12.23
C CYS A 93 -16.92 -21.34 -13.45
N TYR A 94 -15.74 -21.90 -13.64
CA TYR A 94 -15.51 -22.91 -14.68
C TYR A 94 -16.43 -24.12 -14.51
N LEU A 95 -16.59 -24.60 -13.27
CA LEU A 95 -17.53 -25.68 -13.00
C LEU A 95 -18.96 -25.34 -13.40
N LEU A 96 -19.38 -24.10 -13.10
CA LEU A 96 -20.71 -23.66 -13.53
C LEU A 96 -20.82 -23.74 -15.05
N TYR A 97 -19.80 -23.28 -15.74
CA TYR A 97 -19.82 -23.29 -17.20
C TYR A 97 -19.97 -24.72 -17.74
N LYS A 98 -19.19 -25.65 -17.19
CA LYS A 98 -19.17 -27.03 -17.66
C LYS A 98 -20.40 -27.82 -17.31
N ASN A 99 -21.04 -27.49 -16.19
CA ASN A 99 -22.09 -28.34 -15.64
C ASN A 99 -23.48 -27.76 -15.82
N LEU A 100 -23.57 -26.45 -15.89
CA LEU A 100 -24.86 -25.81 -16.14
C LEU A 100 -24.86 -25.30 -17.57
N GLU A 101 -26.03 -25.14 -18.18
CA GLU A 101 -26.04 -24.57 -19.52
C GLU A 101 -26.12 -23.05 -19.42
N LEU A 102 -25.03 -22.43 -18.97
CA LEU A 102 -24.99 -20.98 -18.80
C LEU A 102 -25.29 -20.23 -20.09
N THR A 103 -24.83 -20.80 -21.19
CA THR A 103 -24.94 -20.18 -22.52
C THR A 103 -26.39 -20.00 -22.94
N ASN A 104 -27.24 -20.73 -22.26
CA ASN A 104 -28.67 -20.69 -22.39
C ASN A 104 -29.30 -19.56 -21.59
N TYR A 105 -28.47 -18.91 -20.77
CA TYR A 105 -28.87 -17.82 -19.89
C TYR A 105 -28.09 -16.53 -20.21
N LEU A 106 -26.80 -16.69 -20.49
CA LEU A 106 -25.88 -15.57 -20.57
C LEU A 106 -25.15 -15.51 -21.90
N GLU A 107 -24.78 -14.30 -22.30
CA GLU A 107 -23.94 -14.12 -23.47
C GLU A 107 -22.53 -14.55 -23.13
N ASP A 108 -21.80 -14.99 -24.16
CA ASP A 108 -20.41 -15.40 -23.97
C ASP A 108 -19.54 -14.34 -23.31
N ILE A 109 -19.76 -13.08 -23.69
CA ILE A 109 -18.97 -12.00 -23.11
C ILE A 109 -19.29 -11.85 -21.61
N GLU A 110 -20.52 -12.14 -21.22
CA GLU A 110 -20.89 -12.03 -19.81
C GLU A 110 -20.20 -13.13 -18.99
N ILE A 111 -20.17 -14.35 -19.54
CA ILE A 111 -19.52 -15.49 -18.90
C ILE A 111 -18.02 -15.26 -18.79
N PHE A 112 -17.44 -14.74 -19.86
CA PHE A 112 -16.01 -14.40 -19.88
C PHE A 112 -15.69 -13.37 -18.80
N ALA A 113 -16.47 -12.29 -18.75
CA ALA A 113 -16.31 -11.29 -17.71
C ALA A 113 -16.44 -11.88 -16.31
N LEU A 114 -17.38 -12.80 -16.13
CA LEU A 114 -17.58 -13.42 -14.81
C LEU A 114 -16.31 -14.16 -14.36
N PHE A 115 -15.72 -14.93 -15.27
CA PHE A 115 -14.52 -15.69 -14.94
C PHE A 115 -13.34 -14.77 -14.56
N ILE A 116 -13.06 -13.79 -15.41
CA ILE A 116 -12.00 -12.83 -15.12
C ILE A 116 -12.30 -12.08 -13.81
N SER A 117 -13.57 -11.76 -13.58
CA SER A 117 -13.97 -11.09 -12.35
C SER A 117 -13.67 -11.97 -11.14
N CYS A 118 -13.93 -13.27 -11.26
CA CYS A 118 -13.61 -14.21 -10.17
C CYS A 118 -12.13 -14.14 -9.86
N MET A 119 -11.29 -14.13 -10.90
CA MET A 119 -9.85 -14.05 -10.70
C MET A 119 -9.45 -12.80 -9.92
N CYS A 120 -10.10 -11.70 -10.24
CA CYS A 120 -9.70 -10.39 -9.71
C CYS A 120 -10.45 -9.94 -8.44
N HIS A 121 -11.47 -10.68 -8.01
CA HIS A 121 -12.51 -10.06 -7.18
C HIS A 121 -12.08 -9.70 -5.75
N ASP A 122 -10.96 -10.25 -5.27
CA ASP A 122 -10.44 -9.89 -3.93
C ASP A 122 -9.01 -9.39 -3.99
N LEU A 123 -8.61 -8.84 -5.14
CA LEU A 123 -7.25 -8.37 -5.35
C LEU A 123 -6.73 -7.45 -4.26
N ASP A 124 -5.54 -7.78 -3.75
CA ASP A 124 -4.86 -6.99 -2.71
C ASP A 124 -5.64 -6.89 -1.40
N HIS A 125 -6.48 -7.88 -1.12
CA HIS A 125 -7.19 -7.97 0.15
C HIS A 125 -6.16 -7.99 1.29
N ARG A 126 -6.44 -7.27 2.38
CA ARG A 126 -5.47 -7.23 3.49
C ARG A 126 -5.87 -8.07 4.69
N GLY A 127 -6.95 -8.83 4.57
CA GLY A 127 -7.40 -9.69 5.65
C GLY A 127 -8.31 -8.96 6.62
N THR A 128 -8.89 -7.85 6.17
CA THR A 128 -9.82 -7.09 7.00
C THR A 128 -11.07 -6.73 6.20
N ASN A 129 -12.19 -6.51 6.90
CA ASN A 129 -13.44 -6.20 6.20
C ASN A 129 -13.57 -4.72 5.90
N ASN A 130 -14.70 -4.31 5.36
CA ASN A 130 -14.89 -2.91 4.98
C ASN A 130 -14.95 -2.02 6.21
N SER A 131 -15.61 -2.51 7.25
CA SER A 131 -15.77 -1.76 8.49
C SER A 131 -14.42 -1.35 9.11
N PHE A 132 -13.44 -2.24 9.02
CA PHE A 132 -12.12 -1.98 9.60
C PHE A 132 -11.40 -0.81 8.92
N GLN A 133 -11.41 -0.78 7.58
CA GLN A 133 -10.72 0.27 6.82
C GLN A 133 -11.09 1.66 7.32
N VAL A 134 -12.38 1.87 7.56
CA VAL A 134 -12.90 3.05 8.22
C VAL A 134 -12.26 3.29 9.61
N ALA A 135 -12.43 2.33 10.51
CA ALA A 135 -11.91 2.44 11.88
C ALA A 135 -10.38 2.58 11.94
N SER A 136 -9.70 1.97 10.97
CA SER A 136 -8.24 1.97 10.85
C SER A 136 -7.67 3.29 10.27
N LYS A 137 -8.52 4.06 9.61
CA LYS A 137 -8.09 5.24 8.83
C LYS A 137 -7.08 4.82 7.77
N SER A 138 -7.39 3.77 7.01
CA SER A 138 -6.47 3.33 5.99
C SER A 138 -6.55 4.27 4.80
N VAL A 139 -5.57 4.17 3.93
CA VAL A 139 -5.61 4.93 2.67
C VAL A 139 -6.85 4.55 1.86
N LEU A 140 -7.26 3.29 1.95
CA LEU A 140 -8.37 2.80 1.14
C LEU A 140 -9.69 3.44 1.55
N ALA A 141 -9.88 3.61 2.87
CA ALA A 141 -11.08 4.30 3.38
C ALA A 141 -11.12 5.75 2.91
N ALA A 142 -9.98 6.44 2.99
CA ALA A 142 -9.90 7.81 2.51
C ALA A 142 -10.35 7.85 1.06
N LEU A 143 -9.88 6.89 0.28
CA LEU A 143 -10.18 6.83 -1.15
C LEU A 143 -11.65 6.48 -1.43
N TYR A 144 -12.22 5.58 -0.63
CA TYR A 144 -13.48 4.95 -1.04
C TYR A 144 -14.65 5.00 -0.05
N SER A 145 -14.40 5.36 1.21
CA SER A 145 -15.41 5.14 2.26
C SER A 145 -16.74 5.87 2.01
N SER A 146 -16.68 7.05 1.40
CA SER A 146 -17.89 7.85 1.21
C SER A 146 -18.87 7.21 0.22
N GLU A 147 -18.40 6.21 -0.52
CA GLU A 147 -19.30 5.45 -1.41
C GLU A 147 -19.55 4.00 -0.95
N GLY A 148 -18.87 3.56 0.11
CA GLY A 148 -19.07 2.20 0.60
C GLY A 148 -18.39 1.18 -0.29
N SER A 149 -18.60 -0.11 0.00
CA SER A 149 -17.89 -1.20 -0.64
C SER A 149 -16.42 -0.86 -0.80
N VAL A 150 -15.79 -0.37 0.27
CA VAL A 150 -14.40 0.08 0.23
C VAL A 150 -13.44 -0.96 -0.38
N MET A 151 -13.44 -2.18 0.14
CA MET A 151 -12.48 -3.15 -0.37
C MET A 151 -12.80 -3.56 -1.79
N GLU A 152 -14.08 -3.68 -2.11
CA GLU A 152 -14.49 -4.11 -3.44
C GLU A 152 -14.16 -3.07 -4.51
N ARG A 153 -14.29 -1.79 -4.14
CA ARG A 153 -13.87 -0.72 -5.05
C ARG A 153 -12.36 -0.79 -5.26
N HIS A 154 -11.64 -1.10 -4.19
CA HIS A 154 -10.21 -1.29 -4.31
C HIS A 154 -9.87 -2.52 -5.17
N HIS A 155 -10.63 -3.64 -5.06
CA HIS A 155 -10.39 -4.82 -5.88
C HIS A 155 -10.57 -4.49 -7.36
N PHE A 156 -11.61 -3.73 -7.70
CA PHE A 156 -11.82 -3.33 -9.09
C PHE A 156 -10.70 -2.41 -9.56
N ALA A 157 -10.34 -1.42 -8.75
CA ALA A 157 -9.29 -0.48 -9.14
C ALA A 157 -7.97 -1.21 -9.40
N GLN A 158 -7.67 -2.22 -8.59
CA GLN A 158 -6.49 -3.06 -8.80
C GLN A 158 -6.56 -3.82 -10.12
N ALA A 159 -7.74 -4.32 -10.45
CA ALA A 159 -7.93 -5.01 -11.72
C ALA A 159 -7.68 -4.05 -12.89
N ILE A 160 -8.24 -2.85 -12.80
CA ILE A 160 -7.98 -1.80 -13.77
C ILE A 160 -6.47 -1.52 -13.88
N ALA A 161 -5.80 -1.43 -12.73
CA ALA A 161 -4.37 -1.14 -12.70
C ALA A 161 -3.62 -2.26 -13.41
N ILE A 162 -4.03 -3.50 -13.19
CA ILE A 162 -3.37 -4.62 -13.87
C ILE A 162 -3.61 -4.55 -15.37
N LEU A 163 -4.88 -4.42 -15.78
CA LEU A 163 -5.21 -4.37 -17.22
C LEU A 163 -4.44 -3.26 -17.92
N ASN A 164 -4.16 -2.19 -17.19
CA ASN A 164 -3.47 -1.06 -17.77
C ASN A 164 -1.98 -1.05 -17.53
N THR A 165 -1.45 -2.21 -17.10
CA THR A 165 -0.02 -2.44 -17.07
C THR A 165 0.42 -2.94 -18.43
N HIS A 166 1.54 -2.43 -18.94
CA HIS A 166 2.03 -2.81 -20.26
C HIS A 166 2.12 -4.32 -20.44
N GLY A 167 1.52 -4.81 -21.52
CA GLY A 167 1.57 -6.23 -21.85
C GLY A 167 0.56 -7.11 -21.15
N CYS A 168 -0.36 -6.51 -20.39
CA CYS A 168 -1.33 -7.26 -19.62
C CYS A 168 -2.79 -7.00 -20.05
N ASN A 169 -2.99 -6.18 -21.06
CA ASN A 169 -4.35 -5.84 -21.41
C ASN A 169 -4.96 -6.86 -22.36
N ILE A 170 -5.50 -7.92 -21.79
CA ILE A 170 -5.99 -9.05 -22.56
C ILE A 170 -7.16 -8.68 -23.48
N PHE A 171 -7.75 -7.52 -23.22
CA PHE A 171 -8.97 -7.03 -23.90
C PHE A 171 -8.74 -5.97 -24.96
N ASP A 172 -7.50 -5.54 -25.18
CA ASP A 172 -7.33 -4.25 -25.83
C ASP A 172 -7.62 -4.29 -27.34
N HIS A 173 -7.77 -5.49 -27.89
CA HIS A 173 -8.18 -5.66 -29.28
C HIS A 173 -9.71 -5.66 -29.43
N PHE A 174 -10.44 -5.71 -28.31
CA PHE A 174 -11.90 -5.61 -28.35
C PHE A 174 -12.29 -4.27 -28.96
N SER A 175 -13.47 -4.23 -29.58
CA SER A 175 -14.03 -2.97 -30.03
C SER A 175 -14.20 -2.06 -28.82
N ARG A 176 -14.23 -0.75 -29.03
CA ARG A 176 -14.42 0.18 -27.93
C ARG A 176 -15.72 -0.12 -27.21
N LYS A 177 -16.73 -0.53 -27.97
CA LYS A 177 -18.00 -0.96 -27.36
C LYS A 177 -17.84 -2.17 -26.41
N ASP A 178 -17.23 -3.25 -26.90
CA ASP A 178 -17.07 -4.45 -26.09
C ASP A 178 -16.05 -4.25 -24.98
N TYR A 179 -15.04 -3.42 -25.22
CA TYR A 179 -14.06 -3.11 -24.17
C TYR A 179 -14.76 -2.46 -22.98
N GLN A 180 -15.64 -1.52 -23.27
CA GLN A 180 -16.41 -0.82 -22.26
C GLN A 180 -17.35 -1.74 -21.52
N ARG A 181 -18.02 -2.62 -22.26
CA ARG A 181 -18.92 -3.57 -21.65
C ARG A 181 -18.16 -4.44 -20.64
N MET A 182 -16.94 -4.83 -21.00
CA MET A 182 -16.13 -5.67 -20.14
C MET A 182 -15.77 -4.96 -18.83
N LEU A 183 -15.46 -3.68 -18.92
CA LEU A 183 -15.15 -2.92 -17.71
C LEU A 183 -16.38 -2.77 -16.82
N ASP A 184 -17.52 -2.46 -17.43
CA ASP A 184 -18.79 -2.32 -16.71
C ASP A 184 -19.22 -3.65 -16.11
N LEU A 185 -19.02 -4.75 -16.85
CA LEU A 185 -19.33 -6.06 -16.30
C LEU A 185 -18.46 -6.35 -15.09
N MET A 186 -17.15 -6.16 -15.22
CA MET A 186 -16.25 -6.48 -14.13
C MET A 186 -16.52 -5.62 -12.90
N ARG A 187 -16.85 -4.35 -13.12
CA ARG A 187 -17.19 -3.48 -12.01
C ARG A 187 -18.46 -3.95 -11.30
N ASP A 188 -19.51 -4.18 -12.08
CA ASP A 188 -20.78 -4.69 -11.54
C ASP A 188 -20.58 -5.98 -10.75
N ILE A 189 -19.86 -6.91 -11.36
CA ILE A 189 -19.67 -8.23 -10.77
C ILE A 189 -18.81 -8.15 -9.51
N ILE A 190 -17.73 -7.37 -9.53
CA ILE A 190 -16.86 -7.31 -8.36
C ILE A 190 -17.56 -6.57 -7.22
N LEU A 191 -18.29 -5.51 -7.55
CA LEU A 191 -19.09 -4.81 -6.54
C LEU A 191 -20.20 -5.70 -5.96
N ALA A 192 -20.57 -6.74 -6.71
CA ALA A 192 -21.64 -7.64 -6.28
C ALA A 192 -21.17 -8.56 -5.15
N THR A 193 -19.86 -8.64 -4.94
CA THR A 193 -19.30 -9.50 -3.88
C THR A 193 -19.36 -8.87 -2.49
N ASP A 194 -19.77 -7.62 -2.43
CA ASP A 194 -20.01 -7.01 -1.12
C ASP A 194 -21.32 -7.60 -0.61
N LEU A 195 -21.32 -8.08 0.64
CA LEU A 195 -22.54 -8.67 1.19
C LEU A 195 -23.72 -7.70 1.20
N ALA A 196 -23.46 -6.41 1.41
CA ALA A 196 -24.52 -5.42 1.44
C ALA A 196 -25.23 -5.30 0.09
N HIS A 197 -24.46 -5.42 -1.00
CA HIS A 197 -25.01 -5.48 -2.35
C HIS A 197 -25.93 -6.69 -2.52
N HIS A 198 -25.44 -7.84 -2.06
CA HIS A 198 -26.21 -9.07 -2.18
C HIS A 198 -27.54 -8.97 -1.43
N LEU A 199 -27.48 -8.47 -0.19
CA LEU A 199 -28.69 -8.25 0.61
C LEU A 199 -29.62 -7.27 -0.11
N ARG A 200 -29.03 -6.28 -0.74
CA ARG A 200 -29.82 -5.27 -1.44
C ARG A 200 -30.62 -5.85 -2.58
N ILE A 201 -30.00 -6.76 -3.33
CA ILE A 201 -30.64 -7.28 -4.55
C ILE A 201 -31.38 -8.59 -4.32
N PHE A 202 -31.37 -9.08 -3.08
CA PHE A 202 -31.85 -10.43 -2.81
C PHE A 202 -33.29 -10.68 -3.24
N LYS A 203 -34.18 -9.75 -2.96
CA LYS A 203 -35.57 -9.97 -3.30
C LYS A 203 -35.83 -9.75 -4.78
N ASP A 204 -34.89 -9.09 -5.45
CA ASP A 204 -34.92 -9.03 -6.90
C ASP A 204 -34.52 -10.38 -7.46
N LEU A 205 -33.54 -11.02 -6.83
CA LEU A 205 -33.12 -12.38 -7.22
C LEU A 205 -34.26 -13.37 -7.02
N GLN A 206 -34.97 -13.24 -5.91
CA GLN A 206 -36.14 -14.06 -5.64
C GLN A 206 -37.27 -13.86 -6.67
N LYS A 207 -37.62 -12.60 -6.92
CA LYS A 207 -38.64 -12.25 -7.88
C LYS A 207 -38.31 -12.85 -9.24
N MET A 208 -37.05 -12.70 -9.65
CA MET A 208 -36.57 -13.30 -10.89
C MET A 208 -36.74 -14.81 -10.88
N ALA A 209 -36.39 -15.44 -9.76
CA ALA A 209 -36.54 -16.88 -9.62
C ALA A 209 -38.01 -17.27 -9.67
N GLU A 210 -38.88 -16.39 -9.20
CA GLU A 210 -40.31 -16.68 -9.15
C GLU A 210 -40.93 -16.55 -10.53
N VAL A 211 -40.74 -15.40 -11.17
CA VAL A 211 -41.38 -15.14 -12.45
C VAL A 211 -40.76 -16.02 -13.52
N GLY A 212 -39.54 -16.48 -13.26
CA GLY A 212 -38.82 -17.32 -14.20
C GLY A 212 -37.86 -16.50 -15.05
N TYR A 213 -36.64 -16.99 -15.19
CA TYR A 213 -35.59 -16.26 -15.91
C TYR A 213 -35.98 -15.94 -17.35
N ASP A 214 -35.64 -14.74 -17.79
CA ASP A 214 -35.98 -14.26 -19.12
C ASP A 214 -34.72 -13.82 -19.84
N ARG A 215 -34.27 -14.65 -20.78
CA ARG A 215 -33.03 -14.40 -21.52
C ARG A 215 -33.02 -13.09 -22.32
N ASN A 216 -34.19 -12.57 -22.68
CA ASN A 216 -34.27 -11.27 -23.36
C ASN A 216 -34.37 -10.11 -22.38
N ASN A 217 -34.42 -10.43 -21.09
CA ASN A 217 -34.40 -9.40 -20.06
C ASN A 217 -32.95 -9.18 -19.63
N LYS A 218 -32.40 -8.03 -19.99
CA LYS A 218 -30.97 -7.79 -19.75
C LYS A 218 -30.65 -7.54 -18.27
N GLN A 219 -31.63 -7.10 -17.48
CA GLN A 219 -31.37 -6.94 -16.05
C GLN A 219 -31.49 -8.28 -15.33
N HIS A 220 -32.16 -9.24 -15.95
CA HIS A 220 -32.08 -10.64 -15.48
C HIS A 220 -30.67 -11.18 -15.70
N HIS A 221 -30.04 -10.78 -16.80
CA HIS A 221 -28.65 -11.16 -17.05
C HIS A 221 -27.78 -10.62 -15.91
N ARG A 222 -28.00 -9.36 -15.57
CA ARG A 222 -27.19 -8.68 -14.60
C ARG A 222 -27.35 -9.30 -13.22
N LEU A 223 -28.60 -9.61 -12.87
CA LEU A 223 -28.93 -10.25 -11.60
C LEU A 223 -28.30 -11.64 -11.49
N LEU A 224 -28.48 -12.44 -12.52
CA LEU A 224 -27.89 -13.77 -12.61
C LEU A 224 -26.36 -13.70 -12.47
N LEU A 225 -25.74 -12.70 -13.10
CA LEU A 225 -24.28 -12.56 -12.96
C LEU A 225 -23.87 -12.36 -11.49
N CYS A 226 -24.62 -11.54 -10.77
CA CYS A 226 -24.37 -11.33 -9.34
C CYS A 226 -24.56 -12.61 -8.54
N LEU A 227 -25.64 -13.32 -8.84
CA LEU A 227 -25.94 -14.56 -8.13
C LEU A 227 -24.82 -15.56 -8.35
N LEU A 228 -24.40 -15.70 -9.60
CA LEU A 228 -23.33 -16.64 -9.93
C LEU A 228 -22.03 -16.23 -9.27
N MET A 229 -21.68 -14.95 -9.31
CA MET A 229 -20.48 -14.45 -8.65
C MET A 229 -20.50 -14.83 -7.16
N THR A 230 -21.59 -14.55 -6.47
CA THR A 230 -21.65 -14.87 -5.03
C THR A 230 -21.58 -16.40 -4.79
N SER A 231 -22.21 -17.18 -5.66
CA SER A 231 -22.16 -18.62 -5.53
C SER A 231 -20.73 -19.11 -5.75
N CYS A 232 -19.96 -18.44 -6.61
CA CYS A 232 -18.53 -18.76 -6.74
C CYS A 232 -17.73 -18.41 -5.47
N ASP A 233 -17.98 -17.23 -4.92
CA ASP A 233 -17.27 -16.73 -3.73
C ASP A 233 -17.43 -17.67 -2.53
N LEU A 234 -18.61 -18.27 -2.41
CA LEU A 234 -18.95 -19.10 -1.26
C LEU A 234 -18.78 -20.58 -1.54
N SER A 235 -18.10 -20.91 -2.64
CA SER A 235 -18.16 -22.31 -3.11
C SER A 235 -17.33 -23.32 -2.29
N ASP A 236 -16.50 -22.85 -1.35
CA ASP A 236 -15.86 -23.79 -0.41
C ASP A 236 -16.92 -24.55 0.43
N GLN A 237 -18.14 -24.03 0.47
CA GLN A 237 -19.21 -24.64 1.26
C GLN A 237 -19.86 -25.81 0.51
N THR A 238 -19.54 -25.95 -0.78
CA THR A 238 -20.16 -26.98 -1.63
C THR A 238 -19.35 -28.25 -1.80
N LYS A 239 -18.20 -28.32 -1.13
CA LYS A 239 -17.36 -29.51 -1.16
C LYS A 239 -17.69 -30.39 0.06
N GLY A 240 -16.73 -31.20 0.49
CA GLY A 240 -16.97 -32.08 1.62
C GLY A 240 -16.78 -31.34 2.94
N TRP A 241 -16.98 -32.07 4.04
CA TRP A 241 -16.87 -31.51 5.38
C TRP A 241 -15.47 -30.96 5.65
N LYS A 242 -14.45 -31.65 5.14
CA LYS A 242 -13.09 -31.25 5.47
C LYS A 242 -12.75 -29.88 4.91
N THR A 243 -13.27 -29.59 3.72
CA THR A 243 -13.09 -28.28 3.14
C THR A 243 -13.81 -27.22 3.98
N THR A 244 -15.08 -27.43 4.36
CA THR A 244 -15.76 -26.39 5.15
C THR A 244 -15.07 -26.20 6.52
N ARG A 245 -14.54 -27.30 7.06
CA ARG A 245 -13.86 -27.22 8.36
C ARG A 245 -12.58 -26.43 8.23
N LYS A 246 -11.78 -26.77 7.23
CA LYS A 246 -10.53 -26.08 6.99
C LYS A 246 -10.76 -24.59 6.67
N ILE A 247 -11.75 -24.28 5.86
CA ILE A 247 -11.98 -22.88 5.51
C ILE A 247 -12.50 -22.08 6.71
N ALA A 248 -13.32 -22.70 7.56
CA ALA A 248 -13.71 -22.03 8.82
C ALA A 248 -12.47 -21.62 9.60
N GLU A 249 -11.53 -22.55 9.71
CA GLU A 249 -10.28 -22.28 10.38
C GLU A 249 -9.52 -21.09 9.77
N LEU A 250 -9.43 -21.04 8.44
CA LEU A 250 -8.72 -19.94 7.81
C LEU A 250 -9.47 -18.63 8.03
N ILE A 251 -10.78 -18.69 7.92
CA ILE A 251 -11.58 -17.48 8.06
C ILE A 251 -11.46 -16.89 9.47
N TYR A 252 -11.57 -17.74 10.47
CA TYR A 252 -11.56 -17.20 11.83
C TYR A 252 -10.15 -16.79 12.21
N LYS A 253 -9.14 -17.45 11.67
CA LYS A 253 -7.76 -16.99 11.89
C LYS A 253 -7.61 -15.57 11.38
N GLU A 254 -8.15 -15.33 10.19
CA GLU A 254 -8.10 -14.00 9.60
C GLU A 254 -8.92 -13.00 10.41
N PHE A 255 -10.17 -13.37 10.70
CA PHE A 255 -11.05 -12.53 11.52
C PHE A 255 -10.42 -12.16 12.86
N PHE A 256 -9.90 -13.15 13.56
CA PHE A 256 -9.39 -12.89 14.89
C PHE A 256 -8.15 -12.01 14.81
N SER A 257 -7.37 -12.13 13.73
CA SER A 257 -6.24 -11.23 13.54
C SER A 257 -6.74 -9.80 13.38
N GLN A 258 -7.88 -9.62 12.74
CA GLN A 258 -8.43 -8.26 12.66
C GLN A 258 -8.88 -7.78 14.02
N GLY A 259 -9.58 -8.65 14.75
CA GLY A 259 -10.10 -8.26 16.06
C GLY A 259 -8.99 -7.83 16.99
N ASP A 260 -7.89 -8.55 16.95
CA ASP A 260 -6.75 -8.24 17.79
C ASP A 260 -6.26 -6.83 17.47
N LEU A 261 -6.19 -6.50 16.19
CA LEU A 261 -5.76 -5.17 15.77
C LEU A 261 -6.73 -4.09 16.23
N GLU A 262 -8.03 -4.39 16.20
CA GLU A 262 -9.02 -3.42 16.64
C GLU A 262 -8.89 -3.18 18.14
N LYS A 263 -8.52 -4.21 18.89
CA LYS A 263 -8.31 -4.04 20.31
C LYS A 263 -7.04 -3.22 20.59
N ALA A 264 -6.01 -3.42 19.78
CA ALA A 264 -4.74 -2.73 19.98
C ALA A 264 -4.88 -1.23 19.71
N MET A 265 -5.78 -0.86 18.81
CA MET A 265 -6.01 0.56 18.58
C MET A 265 -7.12 1.06 19.50
N GLY A 266 -7.55 0.21 20.43
CA GLY A 266 -8.45 0.60 21.49
C GLY A 266 -9.92 0.59 21.08
N ASN A 267 -10.27 -0.25 20.13
CA ASN A 267 -11.65 -0.43 19.73
C ASN A 267 -12.11 -1.86 20.03
N ARG A 268 -13.42 -2.07 20.00
CA ARG A 268 -13.94 -3.37 20.32
C ARG A 268 -14.59 -3.97 19.09
N PRO A 269 -14.03 -5.10 18.65
CA PRO A 269 -14.38 -5.76 17.39
C PRO A 269 -15.80 -6.31 17.46
N MET A 270 -16.38 -6.59 16.30
CA MET A 270 -17.59 -7.40 16.25
C MET A 270 -17.30 -8.69 16.97
N GLU A 271 -18.34 -9.31 17.54
CA GLU A 271 -18.19 -10.58 18.23
C GLU A 271 -17.48 -11.64 17.36
N MET A 272 -17.74 -11.65 16.05
CA MET A 272 -17.20 -12.71 15.22
C MET A 272 -15.72 -12.49 14.94
N MET A 273 -15.24 -11.29 15.28
CA MET A 273 -13.84 -10.92 15.08
C MET A 273 -13.06 -11.06 16.39
N ASP A 274 -13.78 -11.34 17.48
CA ASP A 274 -13.22 -11.32 18.83
C ASP A 274 -12.97 -12.75 19.33
N ARG A 275 -11.69 -13.15 19.41
CA ARG A 275 -11.37 -14.54 19.73
C ARG A 275 -11.79 -14.91 21.14
N GLU A 276 -12.17 -13.92 21.96
CA GLU A 276 -12.60 -14.20 23.32
C GLU A 276 -14.12 -14.35 23.45
N LYS A 277 -14.85 -13.97 22.39
CA LYS A 277 -16.31 -14.00 22.41
C LYS A 277 -16.89 -14.92 21.34
N ALA A 278 -16.21 -15.00 20.21
CA ALA A 278 -16.70 -15.74 19.04
C ALA A 278 -16.86 -17.23 19.31
N TYR A 279 -18.06 -17.73 19.04
CA TYR A 279 -18.37 -19.15 19.20
C TYR A 279 -18.59 -19.72 17.81
N ILE A 280 -17.56 -20.37 17.29
CA ILE A 280 -17.47 -20.72 15.87
C ILE A 280 -18.63 -21.57 15.32
N PRO A 281 -19.11 -22.60 16.06
CA PRO A 281 -20.20 -23.37 15.43
C PRO A 281 -21.47 -22.54 15.16
N GLU A 282 -21.88 -21.76 16.15
CA GLU A 282 -23.00 -20.84 15.99
C GLU A 282 -22.80 -19.87 14.81
N LEU A 283 -21.61 -19.28 14.73
CA LEU A 283 -21.33 -18.29 13.70
C LEU A 283 -21.34 -18.91 12.30
N GLN A 284 -20.74 -20.10 12.20
CA GLN A 284 -20.67 -20.83 10.93
C GLN A 284 -22.06 -21.31 10.51
N ILE A 285 -22.83 -21.82 11.46
CA ILE A 285 -24.20 -22.27 11.18
C ILE A 285 -25.08 -21.08 10.72
N SER A 286 -24.94 -19.92 11.36
CA SER A 286 -25.68 -18.72 10.96
C SER A 286 -25.33 -18.29 9.55
N PHE A 287 -24.04 -18.28 9.26
CA PHE A 287 -23.59 -17.85 7.95
C PHE A 287 -24.14 -18.79 6.88
N MET A 288 -24.10 -20.09 7.17
CA MET A 288 -24.64 -21.07 6.23
C MET A 288 -26.15 -20.93 6.03
N GLU A 289 -26.90 -20.78 7.12
CA GLU A 289 -28.36 -20.66 7.04
C GLU A 289 -28.88 -19.37 6.42
N HIS A 290 -28.19 -18.25 6.65
CA HIS A 290 -28.73 -16.95 6.26
C HIS A 290 -28.09 -16.41 4.98
N ILE A 291 -26.86 -16.82 4.71
CA ILE A 291 -26.18 -16.32 3.53
C ILE A 291 -25.94 -17.40 2.49
N ALA A 292 -25.23 -18.48 2.86
CA ALA A 292 -24.81 -19.49 1.88
C ALA A 292 -26.00 -20.27 1.33
N MET A 293 -26.83 -20.84 2.19
CA MET A 293 -27.91 -21.70 1.69
C MET A 293 -28.98 -20.94 0.86
N PRO A 294 -29.39 -19.73 1.26
CA PRO A 294 -30.32 -19.02 0.37
C PRO A 294 -29.76 -18.75 -1.04
N ILE A 295 -28.46 -18.53 -1.14
CA ILE A 295 -27.82 -18.32 -2.42
C ILE A 295 -27.84 -19.56 -3.29
N TYR A 296 -27.53 -20.72 -2.71
CA TYR A 296 -27.52 -21.95 -3.50
C TYR A 296 -28.93 -22.45 -3.76
N LYS A 297 -29.88 -22.03 -2.93
CA LYS A 297 -31.29 -22.34 -3.18
C LYS A 297 -31.83 -21.55 -4.38
N LEU A 298 -31.49 -20.27 -4.47
CA LEU A 298 -31.81 -19.49 -5.68
C LEU A 298 -31.12 -20.11 -6.89
N LEU A 299 -29.88 -20.55 -6.73
CA LEU A 299 -29.17 -21.21 -7.82
C LEU A 299 -29.95 -22.43 -8.29
N GLN A 300 -30.45 -23.20 -7.31
CA GLN A 300 -31.26 -24.37 -7.57
C GLN A 300 -32.60 -24.05 -8.25
N ASP A 301 -33.25 -22.97 -7.82
CA ASP A 301 -34.53 -22.57 -8.42
C ASP A 301 -34.36 -22.17 -9.89
N LEU A 302 -33.17 -21.70 -10.26
CA LEU A 302 -32.93 -21.26 -11.63
C LEU A 302 -32.35 -22.39 -12.49
N PHE A 303 -31.44 -23.15 -11.90
CA PHE A 303 -30.80 -24.27 -12.58
C PHE A 303 -31.05 -25.56 -11.81
N PRO A 304 -32.00 -26.37 -12.27
CA PRO A 304 -32.35 -27.62 -11.58
C PRO A 304 -31.12 -28.53 -11.34
N LYS A 305 -30.14 -28.49 -12.23
CA LYS A 305 -28.92 -29.29 -12.06
C LYS A 305 -28.01 -28.78 -10.93
N ALA A 306 -28.33 -27.63 -10.36
CA ALA A 306 -27.58 -27.10 -9.22
C ALA A 306 -28.16 -27.58 -7.90
N ALA A 307 -29.08 -28.54 -7.94
CA ALA A 307 -29.69 -29.02 -6.71
C ALA A 307 -28.66 -29.65 -5.78
N GLU A 308 -27.69 -30.37 -6.34
CA GLU A 308 -26.72 -31.10 -5.52
C GLU A 308 -25.81 -30.15 -4.75
N LEU A 309 -25.63 -28.95 -5.30
CA LEU A 309 -24.81 -27.94 -4.63
C LEU A 309 -25.49 -27.48 -3.37
N TYR A 310 -26.79 -27.21 -3.48
CA TYR A 310 -27.59 -26.81 -2.33
C TYR A 310 -27.65 -27.92 -1.29
N GLU A 311 -27.89 -29.15 -1.74
CA GLU A 311 -27.97 -30.30 -0.84
C GLU A 311 -26.65 -30.47 -0.09
N ARG A 312 -25.54 -30.23 -0.78
CA ARG A 312 -24.24 -30.41 -0.13
C ARG A 312 -24.03 -29.35 0.96
N VAL A 313 -24.40 -28.11 0.65
CA VAL A 313 -24.23 -27.02 1.62
C VAL A 313 -25.06 -27.28 2.86
N ALA A 314 -26.32 -27.65 2.65
CA ALA A 314 -27.22 -28.00 3.74
C ALA A 314 -26.65 -29.16 4.55
N SER A 315 -26.14 -30.18 3.87
CA SER A 315 -25.57 -31.33 4.54
C SER A 315 -24.36 -30.93 5.38
N ASN A 316 -23.55 -30.00 4.85
CA ASN A 316 -22.43 -29.50 5.63
C ASN A 316 -22.89 -28.71 6.85
N ARG A 317 -23.98 -27.97 6.69
CA ARG A 317 -24.57 -27.22 7.79
C ARG A 317 -24.99 -28.18 8.90
N GLU A 318 -25.58 -29.31 8.52
CA GLU A 318 -26.02 -30.26 9.51
C GLU A 318 -24.81 -30.93 10.15
N HIS A 319 -23.70 -31.02 9.43
CA HIS A 319 -22.51 -31.61 10.01
C HIS A 319 -21.96 -30.72 11.13
N TRP A 320 -22.06 -29.41 10.93
CA TRP A 320 -21.63 -28.46 11.94
C TRP A 320 -22.46 -28.58 13.22
N THR A 321 -23.77 -28.79 13.08
CA THR A 321 -24.63 -28.96 14.23
C THR A 321 -24.17 -30.20 14.99
N LYS A 322 -23.78 -31.25 14.26
CA LYS A 322 -23.42 -32.52 14.89
C LYS A 322 -22.09 -32.48 15.64
N VAL A 323 -21.22 -31.55 15.30
CA VAL A 323 -19.94 -31.46 16.00
C VAL A 323 -19.89 -30.25 16.93
N SER A 324 -20.99 -29.52 17.03
CA SER A 324 -21.02 -28.33 17.87
C SER A 324 -20.65 -28.65 19.33
N HIS A 325 -21.17 -29.78 19.82
CA HIS A 325 -20.95 -30.19 21.21
C HIS A 325 -19.46 -30.28 21.57
N LYS A 326 -18.63 -30.53 20.56
CA LYS A 326 -17.21 -30.70 20.79
C LYS A 326 -16.51 -29.41 21.21
N PHE A 327 -17.18 -28.26 21.07
CA PHE A 327 -16.60 -26.99 21.50
C PHE A 327 -16.82 -26.79 23.00
N THR A 328 -17.52 -27.73 23.63
CA THR A 328 -17.64 -27.72 25.09
C THR A 328 -16.70 -28.78 25.64
N ILE A 329 -15.84 -28.38 26.56
CA ILE A 329 -14.89 -29.33 27.13
C ILE A 329 -15.59 -30.25 28.13
N ARG A 330 -15.82 -31.50 27.73
CA ARG A 330 -16.33 -32.49 28.65
C ARG A 330 -15.19 -33.41 29.06
N GLY A 331 -15.22 -33.90 30.29
CA GLY A 331 -14.08 -34.60 30.83
C GLY A 331 -12.92 -33.65 31.04
N LEU A 332 -11.70 -34.16 30.95
CA LEU A 332 -10.55 -33.28 31.05
C LEU A 332 -10.03 -32.97 29.67
N PRO A 333 -9.28 -31.87 29.54
CA PRO A 333 -8.57 -31.61 28.28
C PRO A 333 -7.56 -32.72 28.00
N SER A 334 -7.06 -32.79 26.76
CA SER A 334 -6.07 -33.79 26.35
C SER A 334 -4.82 -33.75 27.23
N ASN A 335 -4.55 -32.57 27.78
CA ASN A 335 -3.51 -32.41 28.79
C ASN A 335 -3.69 -33.33 29.98
N ASN A 336 -4.94 -33.70 30.24
CA ASN A 336 -5.36 -34.19 31.55
C ASN A 336 -5.12 -33.12 32.60
N SER A 337 -5.11 -31.85 32.19
CA SER A 337 -4.78 -30.77 33.12
C SER A 337 -5.81 -29.65 33.13
N LEU A 338 -6.07 -29.10 34.30
CA LEU A 338 -6.98 -27.97 34.44
C LEU A 338 -6.19 -26.66 34.53
N ASP A 339 -4.91 -26.72 34.17
CA ASP A 339 -4.04 -25.55 34.30
C ASP A 339 -4.53 -24.37 33.50
N PHE A 340 -5.31 -24.64 32.46
CA PHE A 340 -5.85 -23.57 31.61
C PHE A 340 -6.86 -22.70 32.34
N LEU A 341 -7.31 -23.14 33.51
CA LEU A 341 -8.23 -22.36 34.33
C LEU A 341 -7.52 -21.19 35.01
N ASP A 342 -6.28 -21.43 35.44
CA ASP A 342 -5.45 -20.37 36.01
C ASP A 342 -4.94 -19.45 34.90
N TYR B 7 15.19 20.36 -5.55
CA TYR B 7 14.83 20.17 -4.15
C TYR B 7 15.83 20.81 -3.22
N THR B 8 17.11 20.54 -3.46
CA THR B 8 18.17 21.16 -2.69
C THR B 8 18.04 22.67 -2.77
N LYS B 9 17.58 23.19 -3.91
CA LYS B 9 17.45 24.63 -4.08
C LYS B 9 16.34 25.19 -3.20
N LEU B 10 15.24 24.47 -3.09
CA LEU B 10 14.12 24.90 -2.26
C LEU B 10 14.52 25.00 -0.78
N LEU B 11 15.25 24.00 -0.29
CA LEU B 11 15.77 24.06 1.08
C LEU B 11 16.74 25.21 1.26
N HIS B 12 17.67 25.36 0.32
CA HIS B 12 18.70 26.38 0.40
C HIS B 12 18.15 27.79 0.20
N ASP B 13 16.92 27.88 -0.30
CA ASP B 13 16.20 29.14 -0.19
C ASP B 13 15.65 29.19 1.22
N GLY B 14 14.64 28.38 1.47
CA GLY B 14 14.04 28.31 2.78
C GLY B 14 12.72 29.04 2.76
N ILE B 15 12.47 29.81 3.80
CA ILE B 15 11.24 30.59 3.85
C ILE B 15 11.51 32.06 4.09
N GLN B 16 11.55 32.80 2.98
CA GLN B 16 11.46 34.27 2.91
C GLN B 16 10.23 34.88 3.52
N PRO B 17 10.36 36.08 4.09
CA PRO B 17 9.18 36.90 4.37
C PRO B 17 8.50 37.27 3.06
N VAL B 18 7.18 37.25 3.00
CA VAL B 18 6.46 37.51 1.75
C VAL B 18 6.73 38.90 1.21
N ALA B 19 7.15 39.82 2.07
CA ALA B 19 7.48 41.17 1.64
C ALA B 19 8.74 41.18 0.76
N ALA B 20 9.65 40.25 1.04
CA ALA B 20 10.89 40.15 0.27
C ALA B 20 10.63 39.57 -1.12
N ILE B 21 9.51 38.87 -1.27
CA ILE B 21 9.10 38.38 -2.58
C ILE B 21 8.52 39.53 -3.38
N ASP B 22 7.59 40.25 -2.78
CA ASP B 22 6.98 41.42 -3.38
C ASP B 22 6.31 42.28 -2.31
N SER B 23 6.50 43.59 -2.39
CA SER B 23 5.94 44.50 -1.41
C SER B 23 4.41 44.49 -1.45
N ASN B 24 3.86 44.03 -2.58
CA ASN B 24 2.41 43.99 -2.78
C ASN B 24 1.88 42.54 -2.70
N PHE B 25 2.71 41.63 -2.21
CA PHE B 25 2.41 40.19 -2.32
C PHE B 25 1.12 39.77 -1.61
N ALA B 26 0.70 40.53 -0.61
CA ALA B 26 -0.50 40.19 0.17
C ALA B 26 -1.73 41.01 -0.24
N SER B 27 -1.63 41.75 -1.33
CA SER B 27 -2.74 42.59 -1.79
C SER B 27 -3.54 41.94 -2.93
N PHE B 28 -4.83 42.26 -2.98
CA PHE B 28 -5.71 41.80 -4.05
C PHE B 28 -5.30 42.33 -5.43
N THR B 29 -4.46 43.37 -5.48
CA THR B 29 -4.02 43.89 -6.78
C THR B 29 -2.84 43.09 -7.34
N TYR B 30 -2.25 42.23 -6.50
CA TYR B 30 -1.08 41.46 -6.93
C TYR B 30 -1.49 40.36 -7.90
N THR B 31 -0.70 40.15 -8.94
CA THR B 31 -0.95 39.07 -9.89
C THR B 31 0.10 37.95 -9.73
N PRO B 32 -0.25 36.84 -9.05
CA PRO B 32 0.74 35.79 -8.79
C PRO B 32 1.35 35.17 -10.05
N ARG B 33 0.66 35.25 -11.18
CA ARG B 33 1.22 34.69 -12.41
C ARG B 33 2.45 35.49 -12.87
N SER B 34 2.64 36.68 -12.29
CA SER B 34 3.83 37.49 -12.56
C SER B 34 5.10 36.92 -11.92
N LEU B 35 4.91 36.03 -10.95
CA LEU B 35 6.03 35.40 -10.27
C LEU B 35 6.66 34.35 -11.17
N PRO B 36 7.99 34.39 -11.33
CA PRO B 36 8.71 33.35 -12.08
C PRO B 36 8.39 31.97 -11.52
N GLU B 37 8.22 30.98 -12.41
CA GLU B 37 7.74 29.67 -12.01
C GLU B 37 8.72 29.01 -11.05
N ASP B 38 10.00 29.32 -11.20
CA ASP B 38 11.01 28.69 -10.34
C ASP B 38 11.02 29.31 -8.95
N ASP B 39 10.24 30.37 -8.74
CA ASP B 39 10.10 30.95 -7.40
C ASP B 39 8.81 30.54 -6.68
N THR B 40 7.92 29.84 -7.38
CA THR B 40 6.61 29.50 -6.83
C THR B 40 6.68 28.52 -5.65
N SER B 41 7.64 27.62 -5.67
CA SER B 41 7.80 26.67 -4.57
C SER B 41 8.15 27.36 -3.25
N MET B 42 9.05 28.34 -3.31
CA MET B 42 9.41 29.14 -2.14
C MET B 42 8.22 29.94 -1.64
N ALA B 43 7.45 30.51 -2.58
CA ALA B 43 6.32 31.34 -2.25
C ALA B 43 5.21 30.56 -1.58
N ILE B 44 5.07 29.29 -1.93
CA ILE B 44 4.15 28.41 -1.24
C ILE B 44 4.54 28.28 0.23
N LEU B 45 5.82 28.01 0.45
CA LEU B 45 6.32 27.78 1.80
C LEU B 45 6.28 29.10 2.57
N SER B 46 6.56 30.19 1.87
CA SER B 46 6.46 31.52 2.44
C SER B 46 5.02 31.90 2.85
N MET B 47 4.03 31.53 2.04
CA MET B 47 2.65 31.84 2.43
C MET B 47 2.22 31.04 3.66
N LEU B 48 2.56 29.76 3.66
CA LEU B 48 2.24 28.88 4.80
C LEU B 48 2.88 29.38 6.09
N GLN B 49 4.08 29.95 5.97
CA GLN B 49 4.74 30.51 7.13
C GLN B 49 4.03 31.79 7.54
N ASP B 50 3.68 32.62 6.55
CA ASP B 50 3.06 33.91 6.86
C ASP B 50 1.70 33.72 7.53
N MET B 51 1.02 32.64 7.20
CA MET B 51 -0.25 32.29 7.81
C MET B 51 -0.02 31.55 9.14
N ASN B 52 1.25 31.30 9.43
CA ASN B 52 1.69 30.61 10.66
C ASN B 52 1.20 29.16 10.80
N PHE B 53 0.81 28.55 9.69
CA PHE B 53 0.37 27.16 9.75
C PHE B 53 1.53 26.21 10.00
N ILE B 54 2.72 26.61 9.56
CA ILE B 54 3.90 25.81 9.79
C ILE B 54 4.14 25.63 11.29
N ASN B 55 4.16 26.74 12.04
CA ASN B 55 4.39 26.69 13.48
C ASN B 55 3.16 26.21 14.27
N ASN B 56 1.98 26.57 13.78
CA ASN B 56 0.74 26.12 14.39
C ASN B 56 0.67 24.60 14.44
N TYR B 57 1.00 23.97 13.31
CA TYR B 57 0.81 22.53 13.14
C TYR B 57 2.09 21.76 13.21
N LYS B 58 3.17 22.44 13.56
CA LYS B 58 4.47 21.80 13.76
C LYS B 58 4.86 21.01 12.52
N ILE B 59 4.61 21.61 11.35
CA ILE B 59 4.94 20.97 10.07
C ILE B 59 6.44 20.84 9.86
N ASP B 60 6.91 19.65 9.52
CA ASP B 60 8.33 19.48 9.19
C ASP B 60 8.65 20.20 7.86
N CYS B 61 9.62 21.10 7.89
CA CYS B 61 9.89 21.91 6.71
C CYS B 61 10.49 21.11 5.53
N PRO B 62 11.46 20.20 5.78
CA PRO B 62 11.89 19.35 4.65
C PRO B 62 10.77 18.50 4.04
N THR B 63 9.85 18.03 4.87
CA THR B 63 8.73 17.23 4.37
C THR B 63 7.79 18.09 3.54
N LEU B 64 7.60 19.33 3.98
CA LEU B 64 6.73 20.28 3.30
C LEU B 64 7.33 20.67 1.94
N ALA B 65 8.65 20.80 1.91
CA ALA B 65 9.37 21.11 0.67
C ALA B 65 9.18 19.99 -0.37
N ARG B 66 9.41 18.75 0.05
CA ARG B 66 9.24 17.59 -0.82
C ARG B 66 7.80 17.48 -1.28
N PHE B 67 6.87 17.66 -0.34
CA PHE B 67 5.45 17.64 -0.68
C PHE B 67 5.11 18.70 -1.75
N CYS B 68 5.55 19.93 -1.51
CA CYS B 68 5.28 21.02 -2.45
C CYS B 68 5.89 20.73 -3.84
N LEU B 69 7.11 20.21 -3.89
CA LEU B 69 7.72 19.85 -5.17
C LEU B 69 6.94 18.75 -5.88
N MET B 70 6.48 17.78 -5.11
CA MET B 70 5.71 16.67 -5.64
C MET B 70 4.40 17.16 -6.25
N VAL B 71 3.75 18.06 -5.54
CA VAL B 71 2.49 18.61 -6.02
C VAL B 71 2.73 19.39 -7.32
N LYS B 72 3.75 20.25 -7.34
CA LYS B 72 4.12 20.99 -8.56
C LYS B 72 4.39 20.06 -9.75
N LYS B 73 5.12 18.99 -9.48
CA LYS B 73 5.50 17.99 -10.48
C LYS B 73 4.28 17.17 -10.91
N GLY B 74 3.25 17.19 -10.09
CA GLY B 74 2.04 16.43 -10.35
C GLY B 74 1.14 17.10 -11.36
N TYR B 75 1.52 18.29 -11.82
CA TYR B 75 0.75 18.98 -12.85
C TYR B 75 1.40 18.72 -14.20
N ARG B 76 0.54 18.50 -15.19
CA ARG B 76 0.97 18.38 -16.58
C ARG B 76 1.02 19.77 -17.17
N ASP B 77 1.16 19.90 -18.49
CA ASP B 77 1.28 21.23 -19.06
C ASP B 77 0.28 21.57 -20.17
N PRO B 78 -1.03 21.40 -19.91
CA PRO B 78 -2.00 21.94 -20.86
C PRO B 78 -1.98 23.46 -20.74
N PRO B 79 -2.64 24.17 -21.66
CA PRO B 79 -2.53 25.64 -21.64
C PRO B 79 -3.01 26.32 -20.35
N TYR B 80 -4.09 25.84 -19.75
CA TYR B 80 -4.60 26.49 -18.56
C TYR B 80 -4.39 25.68 -17.29
N HIS B 81 -4.76 24.40 -17.33
CA HIS B 81 -4.78 23.59 -16.08
C HIS B 81 -3.40 23.00 -15.76
N ASN B 82 -2.48 23.91 -15.44
CA ASN B 82 -1.10 23.57 -15.16
C ASN B 82 -0.70 24.07 -13.76
N TRP B 83 0.56 23.92 -13.38
CA TRP B 83 0.95 24.29 -12.02
C TRP B 83 0.75 25.78 -11.74
N MET B 84 0.94 26.63 -12.75
CA MET B 84 0.79 28.07 -12.55
C MET B 84 -0.65 28.42 -12.17
N HIS B 85 -1.61 27.66 -12.68
CA HIS B 85 -3.00 27.79 -12.24
C HIS B 85 -3.15 27.41 -10.75
N ALA B 86 -2.64 26.25 -10.37
CA ALA B 86 -2.75 25.78 -8.97
C ALA B 86 -2.05 26.76 -8.03
N PHE B 87 -0.91 27.27 -8.47
CA PHE B 87 -0.20 28.25 -7.66
C PHE B 87 -1.00 29.55 -7.51
N SER B 88 -1.54 30.08 -8.59
CA SER B 88 -2.26 31.34 -8.52
C SER B 88 -3.53 31.17 -7.69
N VAL B 89 -4.11 29.97 -7.72
CA VAL B 89 -5.29 29.65 -6.92
C VAL B 89 -4.91 29.60 -5.44
N SER B 90 -3.77 28.98 -5.14
CA SER B 90 -3.26 28.93 -3.76
C SER B 90 -2.95 30.32 -3.24
N HIS B 91 -2.39 31.16 -4.10
CA HIS B 91 -2.10 32.53 -3.70
C HIS B 91 -3.38 33.28 -3.34
N PHE B 92 -4.47 33.04 -4.06
CA PHE B 92 -5.69 33.77 -3.76
C PHE B 92 -6.27 33.31 -2.42
N CYS B 93 -6.12 32.03 -2.11
CA CYS B 93 -6.49 31.54 -0.78
C CYS B 93 -5.76 32.34 0.30
N TYR B 94 -4.45 32.46 0.13
CA TYR B 94 -3.62 33.30 0.99
C TYR B 94 -4.12 34.76 1.07
N LEU B 95 -4.54 35.34 -0.06
CA LEU B 95 -5.05 36.70 -0.05
C LEU B 95 -6.33 36.83 0.76
N LEU B 96 -7.19 35.82 0.66
CA LEU B 96 -8.43 35.82 1.41
C LEU B 96 -8.11 35.81 2.91
N TYR B 97 -7.13 34.98 3.26
CA TYR B 97 -6.68 34.87 4.65
C TYR B 97 -6.13 36.20 5.16
N LYS B 98 -5.34 36.86 4.32
CA LYS B 98 -4.70 38.12 4.73
C LYS B 98 -5.70 39.25 4.82
N ASN B 99 -6.76 39.17 4.02
CA ASN B 99 -7.65 40.31 3.84
C ASN B 99 -9.07 40.12 4.38
N LEU B 100 -9.51 38.87 4.57
CA LEU B 100 -10.93 38.63 4.88
C LEU B 100 -11.22 38.09 6.29
N GLU B 101 -10.24 38.10 7.18
CA GLU B 101 -10.46 37.71 8.57
C GLU B 101 -11.10 36.33 8.68
N LEU B 102 -10.51 35.35 8.02
CA LEU B 102 -11.13 34.02 7.91
C LEU B 102 -11.29 33.32 9.27
N THR B 103 -10.37 33.61 10.18
CA THR B 103 -10.35 32.92 11.48
C THR B 103 -11.62 33.17 12.28
N ASN B 104 -12.43 34.14 11.85
CA ASN B 104 -13.64 34.51 12.56
C ASN B 104 -14.88 33.72 12.16
N TYR B 105 -14.75 32.93 11.09
CA TYR B 105 -15.83 32.06 10.64
C TYR B 105 -15.38 30.60 10.47
N LEU B 106 -14.08 30.41 10.23
CA LEU B 106 -13.54 29.07 10.03
C LEU B 106 -12.48 28.69 11.05
N GLU B 107 -12.35 27.39 11.31
CA GLU B 107 -11.32 26.90 12.21
C GLU B 107 -9.98 26.91 11.50
N ASP B 108 -8.89 27.02 12.26
CA ASP B 108 -7.54 26.98 11.69
C ASP B 108 -7.32 25.77 10.77
N ILE B 109 -7.74 24.59 11.21
CA ILE B 109 -7.46 23.39 10.44
C ILE B 109 -8.24 23.44 9.12
N GLU B 110 -9.39 24.10 9.15
CA GLU B 110 -10.20 24.27 7.93
C GLU B 110 -9.51 25.18 6.92
N ILE B 111 -8.92 26.27 7.39
CA ILE B 111 -8.23 27.21 6.52
C ILE B 111 -6.98 26.57 5.95
N PHE B 112 -6.27 25.85 6.81
CA PHE B 112 -5.11 25.08 6.40
C PHE B 112 -5.49 24.08 5.29
N ALA B 113 -6.57 23.32 5.50
CA ALA B 113 -7.04 22.36 4.51
C ALA B 113 -7.43 23.03 3.20
N LEU B 114 -8.01 24.23 3.29
CA LEU B 114 -8.38 24.97 2.09
C LEU B 114 -7.15 25.25 1.24
N PHE B 115 -6.08 25.72 1.87
CA PHE B 115 -4.88 26.09 1.11
C PHE B 115 -4.24 24.86 0.45
N ILE B 116 -4.12 23.77 1.21
CA ILE B 116 -3.54 22.56 0.67
C ILE B 116 -4.41 22.05 -0.46
N SER B 117 -5.73 22.18 -0.29
CA SER B 117 -6.67 21.74 -1.31
C SER B 117 -6.46 22.55 -2.59
N CYS B 118 -6.32 23.87 -2.45
CA CYS B 118 -6.00 24.73 -3.59
C CYS B 118 -4.78 24.24 -4.36
N MET B 119 -3.72 23.87 -3.64
CA MET B 119 -2.51 23.36 -4.30
C MET B 119 -2.78 22.10 -5.13
N CYS B 120 -3.64 21.23 -4.59
CA CYS B 120 -3.85 19.90 -5.15
C CYS B 120 -5.07 19.80 -6.06
N HIS B 121 -5.84 20.88 -6.19
CA HIS B 121 -7.22 20.67 -6.60
C HIS B 121 -7.37 20.29 -8.08
N ASP B 122 -6.35 20.53 -8.90
CA ASP B 122 -6.40 20.12 -10.29
C ASP B 122 -5.28 19.15 -10.66
N LEU B 123 -4.72 18.43 -9.67
CA LEU B 123 -3.62 17.52 -9.94
C LEU B 123 -3.82 16.57 -11.13
N ASP B 124 -2.83 16.54 -12.00
CA ASP B 124 -2.77 15.65 -13.17
C ASP B 124 -3.93 15.91 -14.15
N HIS B 125 -4.44 17.16 -14.18
CA HIS B 125 -5.45 17.55 -15.17
C HIS B 125 -4.89 17.30 -16.58
N ARG B 126 -5.70 16.77 -17.49
CA ARG B 126 -5.18 16.49 -18.83
C ARG B 126 -5.66 17.50 -19.87
N GLY B 127 -6.28 18.58 -19.41
CA GLY B 127 -6.77 19.62 -20.30
C GLY B 127 -8.13 19.30 -20.92
N THR B 128 -8.85 18.39 -20.29
CA THR B 128 -10.16 18.00 -20.79
C THR B 128 -11.14 17.91 -19.63
N ASN B 129 -12.42 18.02 -19.93
CA ASN B 129 -13.44 17.97 -18.89
C ASN B 129 -13.87 16.55 -18.55
N ASN B 130 -14.83 16.43 -17.63
CA ASN B 130 -15.32 15.14 -17.19
C ASN B 130 -16.00 14.36 -18.29
N SER B 131 -16.93 15.00 -19.00
CA SER B 131 -17.65 14.29 -20.05
C SER B 131 -16.67 13.72 -21.08
N PHE B 132 -15.58 14.45 -21.37
CA PHE B 132 -14.61 13.93 -22.34
C PHE B 132 -13.97 12.63 -21.87
N GLN B 133 -13.60 12.55 -20.59
CA GLN B 133 -13.04 11.32 -20.04
C GLN B 133 -13.94 10.13 -20.33
N VAL B 134 -15.23 10.34 -20.10
CA VAL B 134 -16.23 9.29 -20.35
C VAL B 134 -16.36 8.97 -21.86
N ALA B 135 -16.57 10.00 -22.65
CA ALA B 135 -16.69 9.84 -24.11
C ALA B 135 -15.48 9.12 -24.68
N SER B 136 -14.30 9.45 -24.17
CA SER B 136 -13.06 8.85 -24.66
C SER B 136 -12.69 7.54 -23.95
N LYS B 137 -13.52 7.10 -23.01
CA LYS B 137 -13.31 5.85 -22.27
C LYS B 137 -11.91 5.75 -21.66
N SER B 138 -11.47 6.83 -21.06
CA SER B 138 -10.17 6.85 -20.42
C SER B 138 -10.19 5.96 -19.19
N VAL B 139 -9.01 5.66 -18.68
CA VAL B 139 -8.90 4.92 -17.42
C VAL B 139 -9.57 5.66 -16.26
N LEU B 140 -9.50 6.99 -16.25
CA LEU B 140 -10.11 7.77 -15.17
C LEU B 140 -11.62 7.57 -15.17
N ALA B 141 -12.20 7.52 -16.36
CA ALA B 141 -13.62 7.22 -16.51
C ALA B 141 -13.98 5.80 -16.04
N ALA B 142 -13.12 4.83 -16.33
CA ALA B 142 -13.38 3.46 -15.88
C ALA B 142 -13.42 3.40 -14.36
N LEU B 143 -12.60 4.25 -13.73
CA LEU B 143 -12.49 4.25 -12.28
C LEU B 143 -13.61 5.04 -11.62
N TYR B 144 -14.02 6.15 -12.24
CA TYR B 144 -14.84 7.13 -11.54
C TYR B 144 -16.17 7.53 -12.17
N SER B 145 -16.42 7.14 -13.43
CA SER B 145 -17.59 7.69 -14.12
C SER B 145 -18.88 7.30 -13.43
N SER B 146 -18.90 6.14 -12.78
CA SER B 146 -20.10 5.68 -12.10
C SER B 146 -20.46 6.57 -10.91
N GLU B 147 -19.45 7.22 -10.34
CA GLU B 147 -19.66 8.06 -9.15
C GLU B 147 -19.74 9.55 -9.48
N GLY B 148 -19.40 9.94 -10.71
CA GLY B 148 -19.44 11.33 -11.10
C GLY B 148 -18.16 12.07 -10.70
N SER B 149 -18.05 13.34 -11.11
CA SER B 149 -16.89 14.19 -10.83
C SER B 149 -15.58 13.48 -11.14
N VAL B 150 -15.46 12.99 -12.38
CA VAL B 150 -14.36 12.11 -12.75
C VAL B 150 -13.00 12.72 -12.47
N MET B 151 -12.73 13.91 -13.01
CA MET B 151 -11.42 14.51 -12.79
C MET B 151 -11.21 14.86 -11.32
N GLU B 152 -12.22 15.38 -10.66
CA GLU B 152 -12.08 15.81 -9.27
C GLU B 152 -11.79 14.61 -8.32
N ARG B 153 -12.39 13.45 -8.58
CA ARG B 153 -12.05 12.25 -7.80
C ARG B 153 -10.59 11.88 -8.07
N HIS B 154 -10.11 12.05 -9.30
CA HIS B 154 -8.70 11.80 -9.62
C HIS B 154 -7.74 12.81 -8.94
N HIS B 155 -8.09 14.09 -8.96
CA HIS B 155 -7.27 15.11 -8.29
C HIS B 155 -7.08 14.73 -6.81
N PHE B 156 -8.17 14.39 -6.15
CA PHE B 156 -8.09 13.95 -4.74
C PHE B 156 -7.23 12.69 -4.58
N ALA B 157 -7.48 11.67 -5.41
CA ALA B 157 -6.69 10.44 -5.32
C ALA B 157 -5.19 10.70 -5.55
N GLN B 158 -4.87 11.65 -6.42
CA GLN B 158 -3.48 12.01 -6.64
C GLN B 158 -2.86 12.65 -5.41
N ALA B 159 -3.65 13.53 -4.76
CA ALA B 159 -3.19 14.19 -3.55
C ALA B 159 -2.92 13.18 -2.44
N ILE B 160 -3.82 12.19 -2.33
CA ILE B 160 -3.61 11.08 -1.40
C ILE B 160 -2.33 10.29 -1.74
N ALA B 161 -2.13 10.00 -3.02
CA ALA B 161 -0.95 9.24 -3.44
C ALA B 161 0.32 10.02 -3.12
N ILE B 162 0.24 11.35 -3.19
CA ILE B 162 1.41 12.16 -2.86
C ILE B 162 1.63 12.13 -1.34
N LEU B 163 0.58 12.33 -0.56
CA LEU B 163 0.74 12.27 0.90
C LEU B 163 1.30 10.92 1.36
N ASN B 164 1.03 9.87 0.61
CA ASN B 164 1.50 8.56 0.98
C ASN B 164 2.77 8.14 0.25
N THR B 165 3.42 9.13 -0.36
CA THR B 165 4.77 8.92 -0.87
C THR B 165 5.74 9.20 0.28
N HIS B 166 6.73 8.33 0.42
CA HIS B 166 7.72 8.45 1.48
C HIS B 166 8.45 9.79 1.48
N GLY B 167 8.49 10.43 2.65
CA GLY B 167 9.13 11.71 2.79
C GLY B 167 8.21 12.89 2.51
N CYS B 168 6.95 12.61 2.16
CA CYS B 168 6.03 13.65 1.70
C CYS B 168 4.79 13.85 2.58
N ASN B 169 4.67 13.09 3.66
CA ASN B 169 3.43 13.19 4.41
C ASN B 169 3.48 14.26 5.48
N ILE B 170 3.08 15.46 5.09
CA ILE B 170 3.14 16.61 5.98
C ILE B 170 2.21 16.49 7.19
N PHE B 171 1.32 15.52 7.17
CA PHE B 171 0.37 15.34 8.28
C PHE B 171 0.65 14.14 9.16
N ASP B 172 1.82 13.51 9.03
CA ASP B 172 1.94 12.20 9.65
C ASP B 172 2.23 12.27 11.15
N HIS B 173 2.38 13.49 11.69
CA HIS B 173 2.47 13.69 13.15
C HIS B 173 1.12 14.14 13.71
N PHE B 174 0.14 14.33 12.85
CA PHE B 174 -1.20 14.74 13.27
C PHE B 174 -1.86 13.66 14.12
N SER B 175 -2.72 14.08 15.03
CA SER B 175 -3.53 13.14 15.80
C SER B 175 -4.37 12.34 14.83
N ARG B 176 -4.85 11.17 15.26
CA ARG B 176 -5.76 10.38 14.42
C ARG B 176 -6.99 11.18 14.03
N LYS B 177 -7.58 11.90 14.99
CA LYS B 177 -8.75 12.71 14.64
C LYS B 177 -8.40 13.86 13.66
N ASP B 178 -7.27 14.53 13.86
CA ASP B 178 -6.93 15.64 12.95
C ASP B 178 -6.53 15.14 11.58
N TYR B 179 -5.86 13.98 11.54
CA TYR B 179 -5.44 13.42 10.26
C TYR B 179 -6.69 13.13 9.43
N GLN B 180 -7.69 12.53 10.06
CA GLN B 180 -8.93 12.20 9.41
C GLN B 180 -9.65 13.45 8.93
N ARG B 181 -9.72 14.44 9.82
CA ARG B 181 -10.36 15.71 9.48
C ARG B 181 -9.75 16.33 8.23
N MET B 182 -8.42 16.29 8.14
CA MET B 182 -7.72 16.90 7.01
C MET B 182 -8.04 16.19 5.70
N LEU B 183 -8.09 14.86 5.75
CA LEU B 183 -8.48 14.08 4.57
C LEU B 183 -9.92 14.36 4.14
N ASP B 184 -10.86 14.36 5.09
CA ASP B 184 -12.25 14.66 4.79
C ASP B 184 -12.40 16.07 4.22
N LEU B 185 -11.70 17.03 4.83
CA LEU B 185 -11.73 18.40 4.35
C LEU B 185 -11.21 18.47 2.92
N MET B 186 -10.03 17.89 2.67
CA MET B 186 -9.48 17.91 1.31
C MET B 186 -10.43 17.23 0.32
N ARG B 187 -11.03 16.12 0.72
CA ARG B 187 -11.99 15.45 -0.15
C ARG B 187 -13.17 16.36 -0.51
N ASP B 188 -13.80 16.93 0.52
CA ASP B 188 -14.99 17.77 0.32
C ASP B 188 -14.67 18.96 -0.57
N ILE B 189 -13.58 19.64 -0.24
CA ILE B 189 -13.21 20.89 -0.92
C ILE B 189 -12.84 20.63 -2.37
N ILE B 190 -12.07 19.57 -2.62
CA ILE B 190 -11.67 19.27 -3.98
C ILE B 190 -12.85 18.81 -4.83
N LEU B 191 -13.70 17.95 -4.27
CA LEU B 191 -14.85 17.44 -5.03
C LEU B 191 -15.80 18.61 -5.34
N ALA B 192 -15.73 19.65 -4.52
CA ALA B 192 -16.56 20.83 -4.68
C ALA B 192 -16.17 21.65 -5.92
N THR B 193 -15.01 21.38 -6.50
CA THR B 193 -14.56 22.17 -7.65
C THR B 193 -15.18 21.68 -8.96
N ASP B 194 -15.98 20.61 -8.89
CA ASP B 194 -16.76 20.20 -10.06
C ASP B 194 -17.84 21.24 -10.33
N LEU B 195 -17.81 21.88 -11.49
CA LEU B 195 -18.81 22.90 -11.82
C LEU B 195 -20.24 22.39 -11.56
N ALA B 196 -20.50 21.12 -11.83
CA ALA B 196 -21.79 20.51 -11.50
C ALA B 196 -22.12 20.52 -9.99
N HIS B 197 -21.11 20.34 -9.15
CA HIS B 197 -21.30 20.37 -7.69
C HIS B 197 -21.72 21.78 -7.25
N HIS B 198 -21.02 22.78 -7.76
CA HIS B 198 -21.28 24.17 -7.41
C HIS B 198 -22.69 24.65 -7.81
N LEU B 199 -23.15 24.26 -8.99
CA LEU B 199 -24.49 24.62 -9.44
C LEU B 199 -25.57 24.00 -8.54
N ARG B 200 -25.31 22.77 -8.10
CA ARG B 200 -26.25 22.08 -7.23
C ARG B 200 -26.32 22.75 -5.87
N ILE B 201 -25.18 23.23 -5.37
CA ILE B 201 -25.16 23.78 -4.02
C ILE B 201 -25.31 25.29 -3.98
N PHE B 202 -25.45 25.92 -5.15
CA PHE B 202 -25.52 27.37 -5.19
C PHE B 202 -26.68 27.91 -4.36
N LYS B 203 -27.84 27.28 -4.47
CA LYS B 203 -28.99 27.71 -3.70
C LYS B 203 -28.78 27.50 -2.20
N ASP B 204 -27.99 26.49 -1.82
CA ASP B 204 -27.65 26.31 -0.41
C ASP B 204 -26.72 27.42 0.04
N LEU B 205 -25.88 27.87 -0.89
CA LEU B 205 -24.96 28.96 -0.64
C LEU B 205 -25.71 30.27 -0.47
N GLN B 206 -26.69 30.51 -1.35
CA GLN B 206 -27.45 31.75 -1.36
C GLN B 206 -28.06 32.05 0.01
N LYS B 207 -28.84 31.12 0.55
CA LYS B 207 -29.44 31.28 1.87
C LYS B 207 -28.43 31.80 2.86
N MET B 208 -27.43 30.95 3.10
CA MET B 208 -26.36 31.20 4.05
C MET B 208 -25.79 32.62 3.86
N ALA B 209 -25.75 33.07 2.61
CA ALA B 209 -25.11 34.33 2.24
C ALA B 209 -25.87 35.58 2.67
N GLU B 210 -27.20 35.48 2.78
CA GLU B 210 -28.00 36.59 3.30
C GLU B 210 -28.55 36.30 4.69
N VAL B 211 -29.02 35.07 4.90
CA VAL B 211 -29.67 34.72 6.16
C VAL B 211 -28.66 34.47 7.29
N GLY B 212 -27.39 34.68 6.98
CA GLY B 212 -26.37 34.74 8.02
C GLY B 212 -25.62 33.46 8.30
N TYR B 213 -24.30 33.55 8.19
CA TYR B 213 -23.41 32.46 8.55
C TYR B 213 -23.51 32.19 10.05
N ASP B 214 -23.60 30.91 10.42
CA ASP B 214 -23.57 30.55 11.83
C ASP B 214 -22.37 29.66 12.11
N ARG B 215 -21.40 30.21 12.84
CA ARG B 215 -20.12 29.54 13.09
C ARG B 215 -20.27 28.23 13.86
N ASN B 216 -21.37 28.07 14.57
CA ASN B 216 -21.66 26.82 15.25
C ASN B 216 -22.43 25.83 14.37
N ASN B 217 -22.60 26.15 13.09
CA ASN B 217 -23.27 25.23 12.18
C ASN B 217 -22.23 24.56 11.26
N LYS B 218 -21.98 23.28 11.51
CA LYS B 218 -20.94 22.57 10.78
C LYS B 218 -21.19 22.58 9.26
N GLN B 219 -22.46 22.53 8.87
CA GLN B 219 -22.82 22.55 7.45
C GLN B 219 -22.50 23.91 6.82
N HIS B 220 -22.67 24.98 7.59
CA HIS B 220 -22.26 26.30 7.12
C HIS B 220 -20.74 26.39 6.89
N HIS B 221 -19.95 25.79 7.79
CA HIS B 221 -18.51 25.72 7.57
C HIS B 221 -18.18 25.08 6.23
N ARG B 222 -18.92 24.03 5.91
CA ARG B 222 -18.71 23.27 4.69
C ARG B 222 -19.08 24.10 3.46
N LEU B 223 -20.25 24.74 3.51
CA LEU B 223 -20.69 25.59 2.41
C LEU B 223 -19.73 26.78 2.19
N LEU B 224 -19.22 27.34 3.29
CA LEU B 224 -18.29 28.45 3.20
C LEU B 224 -16.97 28.02 2.55
N LEU B 225 -16.46 26.85 2.94
CA LEU B 225 -15.25 26.33 2.32
C LEU B 225 -15.43 26.09 0.82
N CYS B 226 -16.61 25.62 0.43
CA CYS B 226 -16.92 25.43 -0.99
C CYS B 226 -16.91 26.76 -1.75
N LEU B 227 -17.49 27.80 -1.15
CA LEU B 227 -17.52 29.12 -1.77
C LEU B 227 -16.11 29.72 -1.91
N LEU B 228 -15.33 29.64 -0.84
CA LEU B 228 -13.95 30.16 -0.85
C LEU B 228 -13.10 29.46 -1.91
N MET B 229 -13.18 28.13 -1.95
CA MET B 229 -12.47 27.34 -2.95
C MET B 229 -12.83 27.80 -4.37
N THR B 230 -14.11 27.89 -4.66
CA THR B 230 -14.51 28.29 -6.00
C THR B 230 -14.08 29.73 -6.28
N SER B 231 -14.10 30.57 -5.24
CA SER B 231 -13.58 31.94 -5.34
C SER B 231 -12.10 31.93 -5.73
N CYS B 232 -11.36 30.98 -5.17
CA CYS B 232 -9.95 30.82 -5.53
C CYS B 232 -9.77 30.31 -6.95
N ASP B 233 -10.58 29.33 -7.33
CA ASP B 233 -10.47 28.71 -8.65
C ASP B 233 -10.68 29.76 -9.76
N LEU B 234 -11.51 30.77 -9.51
CA LEU B 234 -11.89 31.72 -10.58
C LEU B 234 -11.16 33.04 -10.50
N SER B 235 -10.14 33.10 -9.66
CA SER B 235 -9.56 34.37 -9.21
C SER B 235 -8.76 35.12 -10.27
N ASP B 236 -8.49 34.48 -11.39
CA ASP B 236 -7.90 35.17 -12.55
C ASP B 236 -8.81 36.28 -13.03
N GLN B 237 -10.09 36.18 -12.70
CA GLN B 237 -11.06 37.18 -13.12
C GLN B 237 -11.07 38.42 -12.21
N THR B 238 -10.37 38.35 -11.08
CA THR B 238 -10.36 39.46 -10.13
C THR B 238 -9.18 40.40 -10.30
N LYS B 239 -8.36 40.15 -11.32
CA LYS B 239 -7.17 40.98 -11.55
C LYS B 239 -7.47 42.02 -12.63
N GLY B 240 -6.48 42.30 -13.47
CA GLY B 240 -6.64 43.33 -14.49
C GLY B 240 -7.15 42.76 -15.80
N TRP B 241 -7.40 43.63 -16.78
CA TRP B 241 -7.86 43.18 -18.08
C TRP B 241 -6.89 42.19 -18.69
N LYS B 242 -5.60 42.53 -18.65
CA LYS B 242 -4.55 41.71 -19.25
C LYS B 242 -4.59 40.27 -18.75
N THR B 243 -4.89 40.09 -17.45
CA THR B 243 -4.99 38.75 -16.90
C THR B 243 -6.21 37.99 -17.42
N THR B 244 -7.37 38.65 -17.40
CA THR B 244 -8.59 38.04 -17.93
C THR B 244 -8.46 37.70 -19.44
N ARG B 245 -7.82 38.60 -20.17
CA ARG B 245 -7.61 38.37 -21.60
C ARG B 245 -6.72 37.16 -21.84
N LYS B 246 -5.59 37.12 -21.13
CA LYS B 246 -4.65 36.03 -21.31
C LYS B 246 -5.23 34.70 -20.89
N ILE B 247 -5.98 34.70 -19.79
CA ILE B 247 -6.54 33.44 -19.32
C ILE B 247 -7.64 32.95 -20.27
N ALA B 248 -8.36 33.88 -20.90
CA ALA B 248 -9.31 33.51 -21.95
C ALA B 248 -8.58 32.78 -23.08
N GLU B 249 -7.46 33.34 -23.51
CA GLU B 249 -6.62 32.69 -24.51
C GLU B 249 -6.26 31.25 -24.09
N LEU B 250 -5.80 31.09 -22.85
CA LEU B 250 -5.36 29.79 -22.39
C LEU B 250 -6.54 28.83 -22.31
N ILE B 251 -7.63 29.29 -21.71
CA ILE B 251 -8.83 28.47 -21.60
C ILE B 251 -9.33 27.98 -22.97
N TYR B 252 -9.42 28.88 -23.93
CA TYR B 252 -10.01 28.47 -25.20
C TYR B 252 -9.03 27.61 -26.01
N LYS B 253 -7.73 27.83 -25.84
CA LYS B 253 -6.75 26.93 -26.43
C LYS B 253 -7.02 25.52 -25.95
N GLU B 254 -7.23 25.40 -24.65
CA GLU B 254 -7.48 24.11 -24.04
C GLU B 254 -8.82 23.50 -24.51
N PHE B 255 -9.88 24.31 -24.46
CA PHE B 255 -11.20 23.86 -24.91
C PHE B 255 -11.19 23.39 -26.38
N PHE B 256 -10.58 24.17 -27.25
CA PHE B 256 -10.65 23.87 -28.67
C PHE B 256 -9.84 22.64 -29.00
N SER B 257 -8.77 22.39 -28.23
CA SER B 257 -8.01 21.16 -28.42
C SER B 257 -8.86 19.95 -28.09
N GLN B 258 -9.63 20.05 -27.00
CA GLN B 258 -10.58 19.00 -26.66
C GLN B 258 -11.63 18.87 -27.76
N GLY B 259 -12.16 20.00 -28.19
CA GLY B 259 -13.16 20.02 -29.25
C GLY B 259 -12.67 19.32 -30.51
N ASP B 260 -11.42 19.57 -30.88
CA ASP B 260 -10.81 18.91 -32.04
C ASP B 260 -10.79 17.40 -31.85
N LEU B 261 -10.52 16.97 -30.63
CA LEU B 261 -10.47 15.54 -30.34
C LEU B 261 -11.85 14.90 -30.44
N GLU B 262 -12.88 15.63 -29.99
CA GLU B 262 -14.24 15.10 -30.04
C GLU B 262 -14.71 14.94 -31.48
N LYS B 263 -14.32 15.89 -32.35
CA LYS B 263 -14.65 15.79 -33.78
C LYS B 263 -13.96 14.59 -34.41
N ALA B 264 -12.70 14.37 -34.04
CA ALA B 264 -11.94 13.24 -34.57
C ALA B 264 -12.53 11.90 -34.11
N MET B 265 -13.16 11.90 -32.92
CA MET B 265 -13.82 10.70 -32.40
C MET B 265 -15.20 10.46 -32.99
N GLY B 266 -15.80 11.50 -33.57
CA GLY B 266 -17.09 11.37 -34.24
C GLY B 266 -18.25 12.03 -33.50
N ASN B 267 -17.92 12.88 -32.53
CA ASN B 267 -18.94 13.57 -31.74
C ASN B 267 -18.95 15.06 -32.01
N ARG B 268 -20.01 15.75 -31.57
CA ARG B 268 -19.99 17.20 -31.67
C ARG B 268 -19.67 17.78 -30.32
N PRO B 269 -18.58 18.55 -30.25
CA PRO B 269 -18.22 19.23 -29.00
C PRO B 269 -19.31 20.24 -28.66
N MET B 270 -19.35 20.71 -27.42
CA MET B 270 -20.22 21.82 -27.10
C MET B 270 -19.73 23.04 -27.87
N GLU B 271 -20.60 24.01 -28.10
CA GLU B 271 -20.25 25.18 -28.92
C GLU B 271 -18.99 25.85 -28.35
N MET B 272 -18.87 25.90 -27.03
CA MET B 272 -17.75 26.61 -26.42
C MET B 272 -16.42 25.89 -26.62
N MET B 273 -16.45 24.67 -27.15
CA MET B 273 -15.22 23.96 -27.41
C MET B 273 -15.00 23.75 -28.92
N ASP B 274 -15.93 24.29 -29.70
CA ASP B 274 -15.86 24.17 -31.15
C ASP B 274 -15.26 25.44 -31.72
N ARG B 275 -14.02 25.35 -32.22
CA ARG B 275 -13.31 26.54 -32.67
C ARG B 275 -13.97 27.13 -33.91
N GLU B 276 -14.91 26.40 -34.50
CA GLU B 276 -15.62 26.89 -35.69
C GLU B 276 -16.90 27.62 -35.29
N LYS B 277 -17.39 27.41 -34.07
CA LYS B 277 -18.64 28.03 -33.66
C LYS B 277 -18.49 28.97 -32.48
N ALA B 278 -17.49 28.72 -31.63
CA ALA B 278 -17.32 29.49 -30.40
C ALA B 278 -17.03 30.96 -30.70
N TYR B 279 -17.83 31.84 -30.10
CA TYR B 279 -17.61 33.28 -30.19
C TYR B 279 -17.15 33.75 -28.80
N ILE B 280 -15.85 33.94 -28.65
CA ILE B 280 -15.23 34.12 -27.34
C ILE B 280 -15.82 35.25 -26.47
N PRO B 281 -16.08 36.45 -27.04
CA PRO B 281 -16.63 37.51 -26.18
C PRO B 281 -17.93 37.15 -25.50
N GLU B 282 -18.90 36.61 -26.25
CA GLU B 282 -20.18 36.26 -25.65
C GLU B 282 -20.00 35.14 -24.63
N LEU B 283 -19.08 34.22 -24.91
CA LEU B 283 -18.88 33.05 -24.05
C LEU B 283 -18.22 33.44 -22.73
N GLN B 284 -17.27 34.35 -22.82
CA GLN B 284 -16.62 34.91 -21.65
C GLN B 284 -17.59 35.76 -20.85
N ILE B 285 -18.39 36.56 -21.55
CA ILE B 285 -19.39 37.35 -20.87
C ILE B 285 -20.36 36.42 -20.15
N SER B 286 -20.79 35.34 -20.80
CA SER B 286 -21.70 34.39 -20.16
C SER B 286 -21.07 33.76 -18.90
N PHE B 287 -19.83 33.29 -19.01
CA PHE B 287 -19.11 32.71 -17.88
C PHE B 287 -19.04 33.71 -16.71
N MET B 288 -18.75 34.96 -17.04
CA MET B 288 -18.66 35.98 -16.00
C MET B 288 -20.01 36.23 -15.35
N GLU B 289 -21.05 36.42 -16.16
CA GLU B 289 -22.36 36.78 -15.63
C GLU B 289 -22.98 35.64 -14.82
N HIS B 290 -22.83 34.42 -15.31
CA HIS B 290 -23.60 33.32 -14.75
C HIS B 290 -22.81 32.41 -13.83
N ILE B 291 -21.48 32.50 -13.85
CA ILE B 291 -20.64 31.69 -12.96
C ILE B 291 -19.78 32.54 -12.03
N ALA B 292 -18.87 33.35 -12.57
CA ALA B 292 -17.94 34.10 -11.73
C ALA B 292 -18.59 35.20 -10.89
N MET B 293 -19.32 36.11 -11.53
CA MET B 293 -19.90 37.23 -10.78
C MET B 293 -20.85 36.79 -9.63
N PRO B 294 -21.73 35.79 -9.86
CA PRO B 294 -22.55 35.38 -8.70
C PRO B 294 -21.71 34.87 -7.53
N ILE B 295 -20.62 34.17 -7.81
CA ILE B 295 -19.76 33.64 -6.75
C ILE B 295 -19.16 34.78 -5.94
N TYR B 296 -18.61 35.78 -6.62
CA TYR B 296 -17.99 36.92 -5.92
C TYR B 296 -19.02 37.86 -5.31
N LYS B 297 -20.27 37.77 -5.76
CA LYS B 297 -21.36 38.51 -5.15
C LYS B 297 -21.68 37.90 -3.79
N LEU B 298 -21.79 36.58 -3.76
CA LEU B 298 -21.92 35.84 -2.51
C LEU B 298 -20.79 36.17 -1.55
N LEU B 299 -19.57 36.20 -2.05
CA LEU B 299 -18.40 36.47 -1.21
C LEU B 299 -18.50 37.86 -0.56
N GLN B 300 -18.93 38.82 -1.37
CA GLN B 300 -19.16 40.21 -0.98
C GLN B 300 -20.23 40.36 0.10
N ASP B 301 -21.29 39.57 -0.03
CA ASP B 301 -22.38 39.52 0.94
C ASP B 301 -21.88 39.02 2.30
N LEU B 302 -20.86 38.17 2.29
CA LEU B 302 -20.29 37.62 3.52
C LEU B 302 -19.17 38.48 4.06
N PHE B 303 -18.30 38.93 3.16
CA PHE B 303 -17.16 39.75 3.49
C PHE B 303 -17.26 41.07 2.75
N PRO B 304 -17.74 42.11 3.43
CA PRO B 304 -17.84 43.45 2.82
C PRO B 304 -16.51 43.92 2.25
N LYS B 305 -15.40 43.48 2.84
CA LYS B 305 -14.08 43.87 2.34
C LYS B 305 -13.73 43.19 1.02
N ALA B 306 -14.45 42.13 0.69
CA ALA B 306 -14.29 41.46 -0.60
C ALA B 306 -15.06 42.21 -1.68
N ALA B 307 -15.40 43.47 -1.44
CA ALA B 307 -16.22 44.21 -2.36
C ALA B 307 -15.45 44.55 -3.64
N GLU B 308 -14.17 44.88 -3.49
CA GLU B 308 -13.37 45.26 -4.63
C GLU B 308 -13.22 44.09 -5.61
N LEU B 309 -13.34 42.85 -5.12
CA LEU B 309 -13.24 41.69 -6.00
C LEU B 309 -14.41 41.61 -6.97
N TYR B 310 -15.63 41.65 -6.45
CA TYR B 310 -16.82 41.61 -7.29
C TYR B 310 -16.87 42.73 -8.31
N GLU B 311 -16.43 43.92 -7.92
CA GLU B 311 -16.51 45.02 -8.86
C GLU B 311 -15.34 44.99 -9.86
N ARG B 312 -14.27 44.25 -9.54
CA ARG B 312 -13.21 44.07 -10.53
C ARG B 312 -13.66 43.07 -11.59
N VAL B 313 -14.29 41.99 -11.16
CA VAL B 313 -14.86 41.01 -12.10
C VAL B 313 -15.91 41.68 -12.98
N ALA B 314 -16.81 42.42 -12.35
CA ALA B 314 -17.84 43.16 -13.08
C ALA B 314 -17.23 44.13 -14.09
N SER B 315 -16.14 44.78 -13.68
CA SER B 315 -15.46 45.71 -14.58
C SER B 315 -14.85 44.96 -15.75
N ASN B 316 -14.27 43.79 -15.47
CA ASN B 316 -13.65 43.03 -16.54
C ASN B 316 -14.69 42.53 -17.54
N ARG B 317 -15.88 42.19 -17.07
CA ARG B 317 -16.94 41.78 -18.00
C ARG B 317 -17.37 42.94 -18.89
N GLU B 318 -17.28 44.16 -18.37
CA GLU B 318 -17.63 45.31 -19.19
C GLU B 318 -16.57 45.53 -20.25
N HIS B 319 -15.32 45.20 -19.94
CA HIS B 319 -14.30 45.38 -20.96
C HIS B 319 -14.50 44.42 -22.13
N TRP B 320 -14.96 43.22 -21.83
CA TRP B 320 -15.25 42.23 -22.87
C TRP B 320 -16.28 42.76 -23.85
N THR B 321 -17.29 43.45 -23.31
CA THR B 321 -18.30 44.11 -24.15
C THR B 321 -17.63 45.14 -25.04
N LYS B 322 -16.73 45.93 -24.45
CA LYS B 322 -16.12 47.05 -25.15
C LYS B 322 -15.23 46.58 -26.28
N VAL B 323 -14.69 45.36 -26.17
CA VAL B 323 -13.74 44.91 -27.18
C VAL B 323 -14.32 43.88 -28.14
N SER B 324 -15.60 43.54 -27.99
CA SER B 324 -16.16 42.46 -28.79
C SER B 324 -16.11 42.85 -30.27
N HIS B 325 -16.33 44.13 -30.53
CA HIS B 325 -16.33 44.65 -31.89
C HIS B 325 -15.05 44.29 -32.65
N LYS B 326 -13.98 44.01 -31.90
CA LYS B 326 -12.70 43.69 -32.51
C LYS B 326 -12.64 42.29 -33.12
N PHE B 327 -13.59 41.42 -32.77
CA PHE B 327 -13.60 40.09 -33.38
C PHE B 327 -14.16 40.11 -34.80
N THR B 328 -14.65 41.26 -35.24
CA THR B 328 -15.13 41.34 -36.61
C THR B 328 -13.96 41.74 -37.50
N ILE B 329 -13.65 40.90 -38.49
CA ILE B 329 -12.52 41.11 -39.38
C ILE B 329 -12.74 42.35 -40.25
N ARG B 330 -11.93 43.38 -40.02
CA ARG B 330 -11.87 44.53 -40.91
C ARG B 330 -10.74 44.27 -41.90
N GLY B 331 -10.93 44.68 -43.16
CA GLY B 331 -9.95 44.41 -44.17
C GLY B 331 -9.89 42.93 -44.52
N LEU B 332 -8.71 42.45 -44.86
CA LEU B 332 -8.50 41.04 -45.17
C LEU B 332 -8.01 40.32 -43.95
N PRO B 333 -8.30 39.02 -43.84
CA PRO B 333 -7.75 38.22 -42.74
C PRO B 333 -6.23 38.17 -42.81
N SER B 334 -5.63 37.56 -41.78
CA SER B 334 -4.18 37.40 -41.68
C SER B 334 -3.53 36.80 -42.91
N ASN B 335 -4.20 35.86 -43.57
CA ASN B 335 -3.68 35.21 -44.78
C ASN B 335 -3.55 36.16 -45.95
N ASN B 336 -4.34 37.24 -45.92
CA ASN B 336 -4.64 38.04 -47.10
C ASN B 336 -5.43 37.21 -48.09
N SER B 337 -6.22 36.28 -47.59
CA SER B 337 -6.98 35.39 -48.45
C SER B 337 -8.45 35.39 -48.12
N LEU B 338 -9.31 35.34 -49.14
CA LEU B 338 -10.74 35.22 -48.90
C LEU B 338 -11.20 33.79 -49.14
N ASP B 339 -10.22 32.88 -49.28
CA ASP B 339 -10.51 31.46 -49.51
C ASP B 339 -11.48 30.87 -48.48
N PHE B 340 -11.42 31.36 -47.25
CA PHE B 340 -12.23 30.80 -46.17
C PHE B 340 -13.74 31.02 -46.36
N LEU B 341 -14.11 31.81 -47.36
CA LEU B 341 -15.51 32.13 -47.60
C LEU B 341 -16.26 31.03 -48.34
N ASP B 342 -15.52 30.15 -49.02
CA ASP B 342 -16.11 29.10 -49.83
C ASP B 342 -16.70 27.97 -48.98
N ILE C 15 35.01 -25.98 -4.27
CA ILE C 15 33.81 -25.48 -3.61
C ILE C 15 32.76 -26.57 -3.50
N GLN C 16 32.34 -26.87 -2.29
CA GLN C 16 31.58 -28.10 -2.02
C GLN C 16 30.08 -27.85 -2.05
N PRO C 17 29.30 -28.84 -2.51
CA PRO C 17 27.83 -28.77 -2.40
C PRO C 17 27.35 -28.81 -0.95
N VAL C 18 26.28 -28.08 -0.66
CA VAL C 18 25.79 -27.96 0.72
C VAL C 18 25.39 -29.33 1.30
N ALA C 19 24.97 -30.24 0.43
CA ALA C 19 24.65 -31.60 0.85
C ALA C 19 25.90 -32.33 1.33
N ALA C 20 27.05 -31.97 0.78
CA ALA C 20 28.30 -32.64 1.10
C ALA C 20 28.84 -32.25 2.49
N ILE C 21 28.44 -31.08 2.98
CA ILE C 21 28.95 -30.66 4.29
C ILE C 21 28.07 -31.22 5.41
N ASP C 22 26.76 -31.24 5.17
CA ASP C 22 25.82 -31.81 6.13
C ASP C 22 24.44 -31.97 5.49
N SER C 23 23.77 -33.06 5.84
CA SER C 23 22.49 -33.43 5.24
C SER C 23 21.36 -32.46 5.57
N ASN C 24 21.45 -31.79 6.72
CA ASN C 24 20.43 -30.83 7.12
C ASN C 24 21.01 -29.42 7.29
N PHE C 25 22.07 -29.14 6.55
CA PHE C 25 22.76 -27.84 6.57
C PHE C 25 21.82 -26.67 6.28
N ALA C 26 20.76 -26.92 5.53
CA ALA C 26 19.83 -25.86 5.16
C ALA C 26 18.57 -25.83 6.01
N SER C 27 18.60 -26.53 7.15
CA SER C 27 17.47 -26.56 8.07
C SER C 27 17.66 -25.64 9.27
N PHE C 28 16.57 -25.10 9.79
CA PHE C 28 16.59 -24.29 11.02
C PHE C 28 17.11 -25.07 12.24
N THR C 29 17.15 -26.40 12.15
CA THR C 29 17.64 -27.21 13.28
C THR C 29 19.17 -27.34 13.26
N TYR C 30 19.79 -27.05 12.11
CA TYR C 30 21.24 -27.09 12.02
C TYR C 30 21.85 -26.02 12.92
N THR C 31 22.85 -26.41 13.71
CA THR C 31 23.60 -25.47 14.53
C THR C 31 24.97 -25.26 13.88
N PRO C 32 25.15 -24.12 13.19
CA PRO C 32 26.38 -23.89 12.41
C PRO C 32 27.65 -23.81 13.26
N ARG C 33 27.53 -23.53 14.55
CA ARG C 33 28.68 -23.56 15.46
C ARG C 33 29.27 -24.96 15.62
N SER C 34 28.50 -25.99 15.25
CA SER C 34 28.98 -27.36 15.27
C SER C 34 30.06 -27.60 14.24
N LEU C 35 30.09 -26.77 13.20
CA LEU C 35 31.04 -26.96 12.13
C LEU C 35 32.44 -26.54 12.61
N PRO C 36 33.45 -27.36 12.31
CA PRO C 36 34.84 -27.02 12.63
C PRO C 36 35.24 -25.69 12.00
N GLU C 37 35.99 -24.86 12.72
CA GLU C 37 36.30 -23.52 12.25
C GLU C 37 37.09 -23.55 10.95
N ASP C 38 37.95 -24.54 10.76
CA ASP C 38 38.76 -24.56 9.55
C ASP C 38 37.92 -24.94 8.32
N ASP C 39 36.67 -25.32 8.55
CA ASP C 39 35.73 -25.64 7.47
C ASP C 39 34.76 -24.49 7.15
N THR C 40 34.78 -23.44 7.95
CA THR C 40 33.76 -22.40 7.86
C THR C 40 33.87 -21.58 6.57
N SER C 41 35.10 -21.31 6.13
CA SER C 41 35.28 -20.52 4.91
C SER C 41 34.75 -21.29 3.70
N MET C 42 35.04 -22.58 3.65
CA MET C 42 34.53 -23.39 2.55
C MET C 42 33.00 -23.36 2.58
N ALA C 43 32.43 -23.37 3.77
CA ALA C 43 30.96 -23.35 3.91
C ALA C 43 30.37 -22.03 3.40
N ILE C 44 31.07 -20.94 3.62
CA ILE C 44 30.66 -19.63 3.11
C ILE C 44 30.57 -19.67 1.57
N LEU C 45 31.62 -20.13 0.93
CA LEU C 45 31.63 -20.30 -0.53
C LEU C 45 30.49 -21.21 -0.98
N SER C 46 30.29 -22.30 -0.23
CA SER C 46 29.25 -23.26 -0.57
C SER C 46 27.86 -22.64 -0.55
N MET C 47 27.62 -21.80 0.45
CA MET C 47 26.32 -21.12 0.60
C MET C 47 26.08 -20.10 -0.50
N LEU C 48 27.13 -19.35 -0.82
CA LEU C 48 27.06 -18.36 -1.91
C LEU C 48 26.77 -19.07 -3.23
N GLN C 49 27.42 -20.21 -3.42
CA GLN C 49 27.21 -20.98 -4.64
C GLN C 49 25.80 -21.56 -4.66
N ASP C 50 25.34 -22.06 -3.52
CA ASP C 50 24.01 -22.67 -3.43
C ASP C 50 22.91 -21.62 -3.66
N MET C 51 23.18 -20.38 -3.29
CA MET C 51 22.24 -19.28 -3.50
C MET C 51 22.41 -18.69 -4.91
N ASN C 52 23.34 -19.29 -5.66
CA ASN C 52 23.67 -18.90 -7.04
C ASN C 52 24.24 -17.49 -7.25
N PHE C 53 24.71 -16.85 -6.18
CA PHE C 53 25.22 -15.49 -6.28
C PHE C 53 26.54 -15.41 -7.07
N ILE C 54 27.32 -16.49 -7.02
CA ILE C 54 28.61 -16.51 -7.70
C ILE C 54 28.47 -16.45 -9.23
N ASN C 55 27.64 -17.32 -9.78
CA ASN C 55 27.35 -17.32 -11.20
C ASN C 55 26.48 -16.14 -11.60
N ASN C 56 25.54 -15.77 -10.74
CA ASN C 56 24.63 -14.68 -11.04
C ASN C 56 25.37 -13.37 -11.20
N TYR C 57 26.30 -13.08 -10.28
CA TYR C 57 27.01 -11.82 -10.32
C TYR C 57 28.42 -11.93 -10.87
N LYS C 58 28.73 -13.08 -11.47
CA LYS C 58 30.01 -13.28 -12.13
C LYS C 58 31.13 -13.01 -11.17
N ILE C 59 30.98 -13.52 -9.95
CA ILE C 59 31.99 -13.25 -8.94
C ILE C 59 33.22 -14.11 -9.24
N ASP C 60 34.39 -13.50 -9.14
CA ASP C 60 35.62 -14.25 -9.38
C ASP C 60 35.94 -15.07 -8.15
N CYS C 61 36.11 -16.37 -8.32
CA CYS C 61 36.27 -17.25 -7.15
C CYS C 61 37.57 -17.06 -6.36
N PRO C 62 38.72 -16.88 -7.03
CA PRO C 62 39.92 -16.56 -6.25
C PRO C 62 39.76 -15.29 -5.42
N THR C 63 39.12 -14.28 -5.99
CA THR C 63 38.86 -13.04 -5.27
C THR C 63 37.95 -13.28 -4.05
N LEU C 64 36.92 -14.10 -4.26
CA LEU C 64 35.96 -14.39 -3.19
C LEU C 64 36.65 -15.17 -2.07
N ALA C 65 37.51 -16.11 -2.43
CA ALA C 65 38.26 -16.85 -1.43
C ALA C 65 39.20 -15.93 -0.63
N ARG C 66 39.87 -15.01 -1.31
CA ARG C 66 40.73 -14.05 -0.60
C ARG C 66 39.90 -13.16 0.31
N PHE C 67 38.77 -12.70 -0.22
CA PHE C 67 37.86 -11.84 0.53
C PHE C 67 37.36 -12.52 1.80
N CYS C 68 36.93 -13.76 1.65
CA CYS C 68 36.44 -14.54 2.78
C CYS C 68 37.50 -14.67 3.87
N LEU C 69 38.70 -15.06 3.46
CA LEU C 69 39.79 -15.29 4.40
C LEU C 69 40.17 -13.98 5.11
N MET C 70 40.11 -12.88 4.37
CA MET C 70 40.38 -11.57 4.92
C MET C 70 39.33 -11.18 5.96
N VAL C 71 38.07 -11.47 5.65
CA VAL C 71 36.99 -11.16 6.56
C VAL C 71 37.13 -11.97 7.85
N LYS C 72 37.36 -13.27 7.70
CA LYS C 72 37.60 -14.18 8.83
C LYS C 72 38.76 -13.69 9.67
N LYS C 73 39.84 -13.32 9.00
CA LYS C 73 41.05 -12.83 9.67
C LYS C 73 40.79 -11.49 10.36
N GLY C 74 39.79 -10.76 9.86
CA GLY C 74 39.46 -9.46 10.40
C GLY C 74 38.68 -9.50 11.72
N TYR C 75 38.42 -10.70 12.22
CA TYR C 75 37.78 -10.90 13.52
C TYR C 75 38.85 -11.27 14.56
N ARG C 76 38.74 -10.63 15.72
CA ARG C 76 39.62 -10.92 16.85
C ARG C 76 39.02 -12.07 17.65
N ASP C 77 39.53 -12.34 18.84
CA ASP C 77 39.00 -13.47 19.60
C ASP C 77 38.48 -13.16 20.99
N PRO C 78 37.54 -12.20 21.09
CA PRO C 78 36.87 -12.13 22.39
C PRO C 78 35.96 -13.34 22.50
N PRO C 79 35.40 -13.61 23.69
CA PRO C 79 34.58 -14.82 23.86
C PRO C 79 33.42 -14.97 22.91
N TYR C 80 32.75 -13.87 22.52
CA TYR C 80 31.57 -14.00 21.69
C TYR C 80 31.73 -13.38 20.31
N HIS C 81 32.22 -12.14 20.26
CA HIS C 81 32.26 -11.42 18.98
C HIS C 81 33.50 -11.77 18.16
N ASN C 82 33.52 -13.03 17.74
CA ASN C 82 34.62 -13.60 16.97
C ASN C 82 34.09 -14.11 15.64
N TRP C 83 34.96 -14.76 14.87
CA TRP C 83 34.56 -15.20 13.54
C TRP C 83 33.38 -16.17 13.57
N MET C 84 33.34 -17.05 14.58
CA MET C 84 32.29 -18.05 14.64
C MET C 84 30.94 -17.38 14.83
N HIS C 85 30.91 -16.21 15.44
CA HIS C 85 29.68 -15.44 15.49
C HIS C 85 29.28 -14.95 14.09
N ALA C 86 30.22 -14.30 13.40
CA ALA C 86 29.97 -13.82 12.04
C ALA C 86 29.55 -14.98 11.14
N PHE C 87 30.20 -16.14 11.29
CA PHE C 87 29.85 -17.29 10.46
C PHE C 87 28.42 -17.78 10.72
N SER C 88 28.06 -18.00 11.99
CA SER C 88 26.72 -18.50 12.31
C SER C 88 25.65 -17.47 11.92
N VAL C 89 25.97 -16.19 12.03
CA VAL C 89 25.06 -15.14 11.59
C VAL C 89 24.84 -15.28 10.09
N SER C 90 25.92 -15.48 9.35
CA SER C 90 25.85 -15.64 7.89
C SER C 90 25.10 -16.89 7.53
N HIS C 91 25.32 -17.95 8.31
CA HIS C 91 24.57 -19.17 8.07
C HIS C 91 23.07 -18.94 8.25
N PHE C 92 22.69 -18.14 9.23
CA PHE C 92 21.26 -17.93 9.43
C PHE C 92 20.62 -17.17 8.26
N CYS C 93 21.36 -16.22 7.71
CA CYS C 93 20.90 -15.49 6.51
C CYS C 93 20.59 -16.46 5.39
N TYR C 94 21.53 -17.38 5.15
CA TYR C 94 21.33 -18.45 4.18
C TYR C 94 20.06 -19.26 4.51
N LEU C 95 19.85 -19.55 5.79
CA LEU C 95 18.67 -20.31 6.21
C LEU C 95 17.38 -19.56 5.87
N LEU C 96 17.39 -18.25 6.09
CA LEU C 96 16.22 -17.44 5.78
C LEU C 96 15.96 -17.45 4.27
N TYR C 97 17.05 -17.42 3.51
CA TYR C 97 16.96 -17.51 2.05
C TYR C 97 16.31 -18.82 1.63
N LYS C 98 16.79 -19.92 2.20
CA LYS C 98 16.32 -21.25 1.80
C LYS C 98 14.91 -21.54 2.27
N ASN C 99 14.56 -21.06 3.46
CA ASN C 99 13.32 -21.49 4.11
C ASN C 99 12.19 -20.48 3.97
N LEU C 100 12.53 -19.20 3.83
CA LEU C 100 11.50 -18.15 3.79
C LEU C 100 11.28 -17.62 2.38
N GLU C 101 12.05 -18.13 1.42
CA GLU C 101 11.89 -17.73 0.01
C GLU C 101 12.01 -16.22 -0.15
N LEU C 102 13.17 -15.70 0.24
CA LEU C 102 13.43 -14.26 0.26
C LEU C 102 13.30 -13.58 -1.09
N THR C 103 13.51 -14.33 -2.17
CA THR C 103 13.49 -13.78 -3.52
C THR C 103 12.10 -13.27 -3.91
N ASN C 104 11.08 -13.71 -3.19
CA ASN C 104 9.73 -13.21 -3.41
C ASN C 104 9.53 -11.81 -2.82
N TYR C 105 10.44 -11.40 -1.93
CA TYR C 105 10.29 -10.17 -1.16
C TYR C 105 11.37 -9.14 -1.49
N LEU C 106 12.58 -9.62 -1.72
CA LEU C 106 13.74 -8.75 -1.90
C LEU C 106 14.39 -8.97 -3.25
N GLU C 107 15.14 -7.98 -3.71
CA GLU C 107 15.89 -8.11 -4.96
C GLU C 107 17.14 -8.95 -4.71
N ASP C 108 17.62 -9.61 -5.75
CA ASP C 108 18.80 -10.46 -5.65
C ASP C 108 19.97 -9.75 -5.04
N ILE C 109 20.20 -8.52 -5.50
CA ILE C 109 21.34 -7.77 -4.99
C ILE C 109 21.15 -7.45 -3.50
N GLU C 110 19.91 -7.27 -3.05
CA GLU C 110 19.65 -6.97 -1.64
C GLU C 110 19.96 -8.16 -0.73
N ILE C 111 19.58 -9.35 -1.18
CA ILE C 111 19.85 -10.56 -0.43
C ILE C 111 21.34 -10.86 -0.41
N PHE C 112 22.00 -10.65 -1.55
CA PHE C 112 23.45 -10.77 -1.66
C PHE C 112 24.12 -9.80 -0.69
N ALA C 113 23.70 -8.54 -0.72
CA ALA C 113 24.21 -7.53 0.22
C ALA C 113 24.03 -7.92 1.67
N LEU C 114 22.87 -8.46 2.00
CA LEU C 114 22.58 -8.88 3.39
C LEU C 114 23.54 -9.98 3.81
N PHE C 115 23.80 -10.94 2.93
CA PHE C 115 24.68 -12.04 3.29
C PHE C 115 26.10 -11.55 3.54
N ILE C 116 26.61 -10.69 2.65
CA ILE C 116 27.95 -10.15 2.83
C ILE C 116 28.01 -9.29 4.08
N SER C 117 26.95 -8.52 4.33
CA SER C 117 26.89 -7.71 5.55
C SER C 117 26.95 -8.59 6.81
N CYS C 118 26.28 -9.74 6.79
CA CYS C 118 26.32 -10.65 7.94
C CYS C 118 27.75 -11.08 8.26
N MET C 119 28.50 -11.41 7.21
CA MET C 119 29.92 -11.74 7.32
C MET C 119 30.72 -10.63 7.95
N CYS C 120 30.43 -9.40 7.56
CA CYS C 120 31.27 -8.27 7.92
C CYS C 120 30.82 -7.48 9.14
N HIS C 121 29.64 -7.81 9.68
CA HIS C 121 28.91 -6.81 10.47
C HIS C 121 29.52 -6.52 11.86
N ASP C 122 30.41 -7.39 12.35
CA ASP C 122 31.10 -7.15 13.63
C ASP C 122 32.64 -7.12 13.43
N LEU C 123 33.11 -6.85 12.21
CA LEU C 123 34.55 -6.86 11.93
C LEU C 123 35.36 -6.03 12.92
N ASP C 124 36.43 -6.64 13.45
CA ASP C 124 37.38 -5.98 14.35
C ASP C 124 36.75 -5.59 15.69
N HIS C 125 35.71 -6.32 16.08
CA HIS C 125 35.14 -6.16 17.41
C HIS C 125 36.23 -6.49 18.42
N ARG C 126 36.35 -5.70 19.48
CA ARG C 126 37.40 -5.96 20.45
C ARG C 126 36.86 -6.47 21.77
N GLY C 127 35.59 -6.86 21.81
CA GLY C 127 35.00 -7.38 23.04
C GLY C 127 34.40 -6.34 23.96
N THR C 128 34.14 -5.15 23.44
CA THR C 128 33.50 -4.07 24.20
C THR C 128 32.41 -3.33 23.41
N ASN C 129 31.49 -2.68 24.12
CA ASN C 129 30.34 -2.01 23.50
C ASN C 129 30.57 -0.56 23.03
N ASN C 130 29.51 0.10 22.57
CA ASN C 130 29.55 1.45 21.99
C ASN C 130 29.88 2.56 22.99
N SER C 131 29.30 2.48 24.18
CA SER C 131 29.56 3.41 25.28
C SER C 131 31.07 3.58 25.50
N PHE C 132 31.80 2.47 25.46
CA PHE C 132 33.25 2.53 25.43
C PHE C 132 33.80 2.46 23.98
N GLN C 133 34.15 1.26 23.51
CA GLN C 133 35.16 0.99 22.47
C GLN C 133 35.80 2.15 21.69
N VAL C 134 35.01 3.08 21.15
CA VAL C 134 35.61 4.29 20.61
C VAL C 134 35.11 5.50 21.37
N LEU C 143 34.51 9.06 17.48
CA LEU C 143 34.87 10.46 17.67
C LEU C 143 33.64 11.37 17.52
N TYR C 144 32.71 10.95 16.67
CA TYR C 144 31.48 11.69 16.44
C TYR C 144 30.35 11.06 17.23
N SER C 145 30.50 11.09 18.56
CA SER C 145 29.72 10.25 19.44
C SER C 145 28.24 10.61 19.46
N SER C 146 27.95 11.87 19.16
CA SER C 146 26.56 12.35 19.19
C SER C 146 25.71 11.64 18.14
N GLU C 147 26.36 11.15 17.08
CA GLU C 147 25.65 10.42 16.04
C GLU C 147 25.44 8.97 16.43
N GLY C 148 26.27 8.47 17.35
CA GLY C 148 26.19 7.09 17.78
C GLY C 148 26.52 6.08 16.70
N SER C 149 26.24 4.82 16.99
CA SER C 149 26.61 3.68 16.16
C SER C 149 28.09 3.66 15.76
N VAL C 150 28.98 4.10 16.64
CA VAL C 150 30.38 4.23 16.22
C VAL C 150 31.03 2.86 15.94
N MET C 151 30.69 1.82 16.72
CA MET C 151 31.19 0.48 16.41
C MET C 151 30.75 0.03 15.02
N GLU C 152 29.46 0.16 14.76
CA GLU C 152 28.90 -0.36 13.52
C GLU C 152 29.45 0.39 12.29
N ARG C 153 29.72 1.68 12.46
CA ARG C 153 30.42 2.48 11.46
C ARG C 153 31.83 1.94 11.23
N HIS C 154 32.49 1.50 12.30
CA HIS C 154 33.82 0.91 12.22
C HIS C 154 33.79 -0.44 11.51
N HIS C 155 32.79 -1.26 11.81
CA HIS C 155 32.65 -2.58 11.18
C HIS C 155 32.51 -2.41 9.67
N PHE C 156 31.69 -1.46 9.26
CA PHE C 156 31.51 -1.19 7.84
C PHE C 156 32.78 -0.65 7.22
N ALA C 157 33.43 0.27 7.93
CA ALA C 157 34.68 0.85 7.44
C ALA C 157 35.74 -0.22 7.23
N GLN C 158 35.77 -1.23 8.10
CA GLN C 158 36.69 -2.36 7.96
C GLN C 158 36.37 -3.21 6.74
N ALA C 159 35.08 -3.43 6.51
CA ALA C 159 34.64 -4.12 5.31
C ALA C 159 35.15 -3.40 4.06
N ILE C 160 35.08 -2.09 4.05
CA ILE C 160 35.55 -1.35 2.88
C ILE C 160 37.08 -1.49 2.74
N ALA C 161 37.79 -1.45 3.86
CA ALA C 161 39.25 -1.57 3.88
C ALA C 161 39.68 -2.91 3.28
N ILE C 162 38.87 -3.94 3.53
CA ILE C 162 39.11 -5.27 2.98
C ILE C 162 38.85 -5.27 1.46
N LEU C 163 37.75 -4.63 1.03
CA LEU C 163 37.45 -4.56 -0.41
C LEU C 163 38.54 -3.78 -1.14
N ASN C 164 39.09 -2.76 -0.47
CA ASN C 164 40.15 -1.95 -1.08
C ASN C 164 41.55 -2.57 -0.95
N THR C 165 41.60 -3.78 -0.43
CA THR C 165 42.84 -4.55 -0.40
C THR C 165 43.01 -5.26 -1.74
N HIS C 166 44.19 -5.13 -2.34
CA HIS C 166 44.45 -5.72 -3.64
C HIS C 166 44.15 -7.23 -3.62
N GLY C 167 43.34 -7.67 -4.58
CA GLY C 167 43.02 -9.07 -4.73
C GLY C 167 41.71 -9.49 -4.09
N CYS C 168 41.09 -8.59 -3.34
CA CYS C 168 39.94 -8.94 -2.51
C CYS C 168 38.63 -8.22 -2.87
N ASN C 169 38.62 -7.39 -3.89
CA ASN C 169 37.37 -6.69 -4.19
C ASN C 169 36.43 -7.53 -5.03
N ILE C 170 35.50 -8.22 -4.37
CA ILE C 170 34.57 -9.09 -5.08
C ILE C 170 33.56 -8.33 -5.93
N PHE C 171 33.47 -7.02 -5.78
CA PHE C 171 32.52 -6.24 -6.58
C PHE C 171 33.19 -5.32 -7.60
N ASP C 172 34.48 -5.48 -7.86
CA ASP C 172 35.13 -4.44 -8.69
C ASP C 172 34.78 -4.50 -10.18
N HIS C 173 34.08 -5.54 -10.63
CA HIS C 173 33.56 -5.59 -12.00
C HIS C 173 32.15 -5.03 -12.08
N PHE C 174 31.55 -4.75 -10.93
CA PHE C 174 30.23 -4.10 -10.88
C PHE C 174 30.28 -2.76 -11.59
N SER C 175 29.13 -2.35 -12.12
CA SER C 175 28.98 -1.02 -12.70
C SER C 175 29.20 0.02 -11.60
N ARG C 176 29.63 1.23 -12.00
CA ARG C 176 29.76 2.33 -11.04
C ARG C 176 28.49 2.46 -10.19
N LYS C 177 27.35 2.37 -10.84
CA LYS C 177 26.04 2.40 -10.19
C LYS C 177 25.86 1.30 -9.14
N ASP C 178 25.99 0.05 -9.57
CA ASP C 178 25.73 -1.08 -8.66
C ASP C 178 26.79 -1.17 -7.58
N TYR C 179 28.02 -0.79 -7.90
CA TYR C 179 29.07 -0.77 -6.87
C TYR C 179 28.65 0.10 -5.68
N GLN C 180 28.19 1.32 -5.99
CA GLN C 180 27.79 2.24 -4.93
C GLN C 180 26.53 1.76 -4.22
N ARG C 181 25.60 1.18 -4.99
CA ARG C 181 24.41 0.52 -4.44
C ARG C 181 24.79 -0.54 -3.40
N MET C 182 25.72 -1.41 -3.78
CA MET C 182 26.11 -2.52 -2.92
C MET C 182 26.79 -1.98 -1.67
N LEU C 183 27.61 -0.93 -1.82
CA LEU C 183 28.26 -0.39 -0.62
C LEU C 183 27.27 0.34 0.27
N ASP C 184 26.27 0.99 -0.32
CA ASP C 184 25.24 1.68 0.45
C ASP C 184 24.34 0.69 1.20
N LEU C 185 24.02 -0.42 0.55
CA LEU C 185 23.27 -1.49 1.21
C LEU C 185 24.04 -2.05 2.38
N MET C 186 25.31 -2.38 2.16
CA MET C 186 26.11 -2.93 3.26
C MET C 186 26.19 -1.95 4.41
N ARG C 187 26.33 -0.68 4.09
CA ARG C 187 26.41 0.31 5.15
C ARG C 187 25.12 0.35 5.98
N ASP C 188 23.99 0.43 5.30
CA ASP C 188 22.71 0.54 5.99
C ASP C 188 22.39 -0.72 6.79
N ILE C 189 22.77 -1.88 6.26
CA ILE C 189 22.46 -3.15 6.90
C ILE C 189 23.33 -3.34 8.13
N ILE C 190 24.63 -3.08 7.99
CA ILE C 190 25.53 -3.11 9.14
C ILE C 190 25.13 -2.08 10.22
N LEU C 191 24.70 -0.89 9.82
CA LEU C 191 24.26 0.08 10.85
C LEU C 191 22.99 -0.36 11.58
N ALA C 192 22.20 -1.23 10.95
CA ALA C 192 20.97 -1.69 11.58
C ALA C 192 21.24 -2.67 12.71
N THR C 193 22.49 -3.08 12.88
CA THR C 193 22.85 -3.99 13.98
C THR C 193 23.08 -3.25 15.28
N ASP C 194 23.00 -1.92 15.25
CA ASP C 194 23.06 -1.14 16.48
C ASP C 194 21.68 -1.22 17.12
N LEU C 195 21.63 -1.66 18.37
CA LEU C 195 20.36 -1.73 19.08
C LEU C 195 19.60 -0.41 19.03
N ALA C 196 20.32 0.71 19.03
CA ALA C 196 19.68 2.02 19.03
C ALA C 196 18.95 2.26 17.70
N HIS C 197 19.52 1.72 16.61
CA HIS C 197 18.87 1.80 15.31
C HIS C 197 17.56 1.02 15.33
N HIS C 198 17.64 -0.23 15.80
CA HIS C 198 16.49 -1.11 15.90
C HIS C 198 15.35 -0.48 16.70
N LEU C 199 15.68 0.08 17.86
CA LEU C 199 14.68 0.72 18.71
C LEU C 199 14.03 1.92 18.01
N ARG C 200 14.84 2.67 17.26
CA ARG C 200 14.34 3.81 16.50
C ARG C 200 13.34 3.39 15.44
N ILE C 201 13.56 2.23 14.82
CA ILE C 201 12.73 1.82 13.70
C ILE C 201 11.68 0.77 14.05
N PHE C 202 11.57 0.41 15.32
CA PHE C 202 10.72 -0.73 15.67
C PHE C 202 9.24 -0.53 15.29
N LYS C 203 8.69 0.64 15.58
CA LYS C 203 7.28 0.83 15.28
C LYS C 203 7.05 0.95 13.77
N ASP C 204 8.06 1.42 13.03
CA ASP C 204 8.03 1.34 11.57
C ASP C 204 7.87 -0.12 11.13
N LEU C 205 8.64 -1.00 11.75
CA LEU C 205 8.58 -2.43 11.49
C LEU C 205 7.19 -2.98 11.85
N GLN C 206 6.68 -2.54 12.99
CA GLN C 206 5.34 -2.90 13.47
C GLN C 206 4.26 -2.53 12.46
N LYS C 207 4.31 -1.28 11.99
CA LYS C 207 3.32 -0.77 11.06
C LYS C 207 3.38 -1.56 9.76
N MET C 208 4.60 -1.86 9.31
CA MET C 208 4.80 -2.68 8.12
C MET C 208 4.18 -4.07 8.26
N ALA C 209 4.43 -4.71 9.40
CA ALA C 209 3.88 -6.03 9.67
C ALA C 209 2.36 -5.96 9.69
N GLU C 210 1.84 -4.92 10.32
CA GLU C 210 0.41 -4.65 10.38
C GLU C 210 -0.22 -4.50 8.99
N VAL C 211 0.27 -3.55 8.20
CA VAL C 211 -0.35 -3.24 6.91
C VAL C 211 0.01 -4.28 5.86
N GLY C 212 1.04 -5.07 6.14
CA GLY C 212 1.49 -6.11 5.22
C GLY C 212 2.63 -5.61 4.37
N TYR C 213 3.62 -6.46 4.12
CA TYR C 213 4.75 -6.11 3.26
C TYR C 213 4.28 -5.82 1.83
N ASP C 214 4.86 -4.78 1.23
CA ASP C 214 4.57 -4.39 -0.14
C ASP C 214 5.84 -4.55 -0.98
N ARG C 215 5.88 -5.60 -1.81
CA ARG C 215 6.99 -5.94 -2.69
C ARG C 215 7.50 -4.76 -3.54
N ASN C 216 6.67 -3.76 -3.77
CA ASN C 216 7.07 -2.64 -4.61
C ASN C 216 7.25 -1.36 -3.81
N ASN C 217 7.27 -1.49 -2.48
CA ASN C 217 7.53 -0.34 -1.61
C ASN C 217 9.00 -0.36 -1.18
N LYS C 218 9.79 0.56 -1.71
CA LYS C 218 11.22 0.58 -1.43
C LYS C 218 11.56 0.76 0.06
N GLN C 219 10.70 1.45 0.79
CA GLN C 219 10.94 1.66 2.21
C GLN C 219 10.65 0.37 3.00
N HIS C 220 9.74 -0.44 2.48
CA HIS C 220 9.49 -1.76 3.09
C HIS C 220 10.70 -2.67 2.89
N HIS C 221 11.28 -2.62 1.70
CA HIS C 221 12.52 -3.35 1.44
C HIS C 221 13.58 -3.02 2.48
N ARG C 222 13.82 -1.72 2.69
CA ARG C 222 14.89 -1.26 3.58
C ARG C 222 14.63 -1.74 5.00
N LEU C 223 13.39 -1.59 5.46
CA LEU C 223 13.01 -2.00 6.80
C LEU C 223 13.12 -3.52 6.98
N LEU C 224 12.72 -4.26 5.95
CA LEU C 224 12.81 -5.71 5.99
C LEU C 224 14.26 -6.19 6.11
N LEU C 225 15.14 -5.58 5.33
CA LEU C 225 16.57 -5.90 5.40
C LEU C 225 17.10 -5.67 6.82
N CYS C 226 16.69 -4.58 7.44
CA CYS C 226 17.11 -4.33 8.83
C CYS C 226 16.61 -5.42 9.78
N LEU C 227 15.35 -5.81 9.60
CA LEU C 227 14.75 -6.78 10.51
C LEU C 227 15.42 -8.13 10.32
N LEU C 228 15.63 -8.53 9.07
CA LEU C 228 16.34 -9.79 8.79
C LEU C 228 17.74 -9.77 9.38
N MET C 229 18.46 -8.68 9.17
CA MET C 229 19.81 -8.56 9.71
C MET C 229 19.83 -8.75 11.24
N THR C 230 18.91 -8.09 11.95
CA THR C 230 18.88 -8.27 13.40
C THR C 230 18.47 -9.71 13.73
N SER C 231 17.62 -10.30 12.90
CA SER C 231 17.24 -11.70 13.09
C SER C 231 18.43 -12.64 12.96
N CYS C 232 19.34 -12.33 12.06
CA CYS C 232 20.55 -13.13 11.88
C CYS C 232 21.48 -12.96 13.08
N ASP C 233 21.66 -11.71 13.50
CA ASP C 233 22.55 -11.35 14.61
C ASP C 233 22.18 -12.12 15.89
N LEU C 234 20.88 -12.29 16.13
CA LEU C 234 20.40 -12.94 17.35
C LEU C 234 20.06 -14.42 17.21
N SER C 235 20.44 -15.05 16.10
CA SER C 235 19.90 -16.38 15.80
C SER C 235 20.41 -17.52 16.68
N ASP C 236 21.36 -17.23 17.57
CA ASP C 236 21.79 -18.23 18.55
C ASP C 236 20.66 -18.59 19.49
N GLN C 237 19.69 -17.69 19.62
CA GLN C 237 18.51 -17.92 20.44
C GLN C 237 17.47 -18.82 19.76
N THR C 238 17.63 -19.11 18.47
CA THR C 238 16.65 -19.90 17.72
C THR C 238 16.99 -21.40 17.66
N LYS C 239 18.10 -21.77 18.29
CA LYS C 239 18.59 -23.15 18.26
C LYS C 239 18.08 -23.88 19.51
N GLY C 240 18.86 -24.84 20.00
CA GLY C 240 18.44 -25.63 21.16
C GLY C 240 18.83 -24.96 22.47
N TRP C 241 18.44 -25.55 23.59
CA TRP C 241 18.83 -25.02 24.90
C TRP C 241 20.35 -24.92 25.01
N LYS C 242 21.04 -25.93 24.51
CA LYS C 242 22.50 -25.99 24.66
C LYS C 242 23.18 -24.77 24.05
N THR C 243 22.65 -24.30 22.93
CA THR C 243 23.23 -23.15 22.26
C THR C 243 22.98 -21.86 23.03
N THR C 244 21.74 -21.64 23.46
CA THR C 244 21.43 -20.41 24.17
C THR C 244 22.25 -20.37 25.46
N ARG C 245 22.43 -21.54 26.08
CA ARG C 245 23.19 -21.66 27.31
C ARG C 245 24.66 -21.28 27.11
N LYS C 246 25.30 -21.91 26.13
CA LYS C 246 26.70 -21.63 25.82
C LYS C 246 26.93 -20.17 25.43
N ILE C 247 26.01 -19.62 24.63
CA ILE C 247 26.22 -18.24 24.14
C ILE C 247 26.01 -17.25 25.29
N ALA C 248 25.09 -17.53 26.20
CA ALA C 248 25.02 -16.73 27.43
C ALA C 248 26.35 -16.73 28.16
N GLU C 249 26.97 -17.90 28.25
CA GLU C 249 28.28 -17.97 28.91
C GLU C 249 29.34 -17.14 28.18
N LEU C 250 29.36 -17.20 26.85
CA LEU C 250 30.35 -16.46 26.06
C LEU C 250 30.14 -14.96 26.18
N ILE C 251 28.88 -14.56 26.10
CA ILE C 251 28.50 -13.17 26.19
C ILE C 251 28.87 -12.55 27.53
N TYR C 252 28.60 -13.26 28.63
CA TYR C 252 28.93 -12.70 29.94
C TYR C 252 30.42 -12.80 30.22
N LYS C 253 31.11 -13.78 29.65
CA LYS C 253 32.57 -13.80 29.77
C LYS C 253 33.14 -12.53 29.13
N GLU C 254 32.56 -12.17 27.99
CA GLU C 254 32.96 -10.96 27.28
C GLU C 254 32.59 -9.70 28.05
N PHE C 255 31.33 -9.59 28.47
CA PHE C 255 30.87 -8.46 29.27
C PHE C 255 31.69 -8.25 30.54
N PHE C 256 31.90 -9.31 31.30
CA PHE C 256 32.55 -9.17 32.60
C PHE C 256 34.03 -8.81 32.42
N SER C 257 34.61 -9.19 31.29
CA SER C 257 35.96 -8.75 30.94
C SER C 257 36.03 -7.25 30.81
N GLN C 258 35.08 -6.67 30.08
CA GLN C 258 35.07 -5.23 29.93
C GLN C 258 34.89 -4.58 31.28
N GLY C 259 33.93 -5.09 32.04
CA GLY C 259 33.65 -4.59 33.38
C GLY C 259 34.86 -4.68 34.30
N ASP C 260 35.57 -5.80 34.24
CA ASP C 260 36.77 -5.98 35.05
C ASP C 260 37.82 -4.91 34.75
N LEU C 261 38.00 -4.59 33.47
CA LEU C 261 39.00 -3.59 33.11
C LEU C 261 38.52 -2.19 33.43
N GLU C 262 37.22 -1.95 33.29
CA GLU C 262 36.64 -0.68 33.70
C GLU C 262 36.87 -0.46 35.21
N LYS C 263 36.71 -1.51 36.00
CA LYS C 263 36.94 -1.42 37.46
C LYS C 263 38.42 -1.21 37.80
N ALA C 264 39.32 -1.82 37.01
CA ALA C 264 40.76 -1.61 37.20
C ALA C 264 41.15 -0.20 36.79
N MET C 265 40.43 0.34 35.79
CA MET C 265 40.63 1.71 35.35
C MET C 265 40.15 2.72 36.41
N GLY C 266 39.34 2.22 37.35
CA GLY C 266 38.73 3.07 38.37
C GLY C 266 37.41 3.69 37.94
N ASN C 267 36.71 3.05 37.02
CA ASN C 267 35.36 3.48 36.68
C ASN C 267 34.37 2.37 36.99
N ARG C 268 33.10 2.70 37.11
CA ARG C 268 32.15 1.66 37.49
C ARG C 268 31.38 1.21 36.26
N PRO C 269 31.37 -0.10 36.02
CA PRO C 269 30.79 -0.67 34.80
C PRO C 269 29.27 -0.69 34.83
N MET C 270 28.65 -0.94 33.68
CA MET C 270 27.24 -1.30 33.62
C MET C 270 27.00 -2.47 34.57
N GLU C 271 25.82 -2.51 35.19
CA GLU C 271 25.46 -3.64 36.05
C GLU C 271 25.67 -4.95 35.31
N MET C 272 25.19 -5.03 34.07
CA MET C 272 25.23 -6.30 33.32
C MET C 272 26.66 -6.67 32.95
N MET C 273 27.58 -5.74 33.14
CA MET C 273 28.99 -6.05 32.90
C MET C 273 29.79 -6.22 34.20
N ASP C 274 29.11 -6.14 35.34
CA ASP C 274 29.77 -6.26 36.64
C ASP C 274 29.52 -7.66 37.23
N ARG C 275 30.55 -8.51 37.25
CA ARG C 275 30.37 -9.91 37.65
C ARG C 275 30.00 -10.08 39.11
N GLU C 276 29.99 -8.99 39.88
CA GLU C 276 29.59 -9.05 41.28
C GLU C 276 28.14 -8.60 41.44
N LYS C 277 27.57 -8.02 40.38
CA LYS C 277 26.21 -7.50 40.45
C LYS C 277 25.25 -8.20 39.50
N ALA C 278 25.76 -8.49 38.29
CA ALA C 278 24.95 -9.09 37.22
C ALA C 278 24.33 -10.41 37.67
N TYR C 279 23.02 -10.51 37.47
CA TYR C 279 22.30 -11.75 37.73
C TYR C 279 21.87 -12.36 36.40
N ILE C 280 22.62 -13.36 35.93
CA ILE C 280 22.50 -13.82 34.55
C ILE C 280 21.09 -14.28 34.13
N PRO C 281 20.38 -15.09 34.95
CA PRO C 281 19.05 -15.47 34.47
C PRO C 281 18.13 -14.29 34.17
N GLU C 282 18.04 -13.31 35.07
CA GLU C 282 17.15 -12.17 34.84
C GLU C 282 17.61 -11.36 33.64
N LEU C 283 18.92 -11.17 33.50
CA LEU C 283 19.46 -10.42 32.38
C LEU C 283 19.18 -11.12 31.05
N GLN C 284 19.35 -12.44 31.01
CA GLN C 284 19.10 -13.21 29.80
C GLN C 284 17.62 -13.20 29.44
N ILE C 285 16.78 -13.38 30.45
CA ILE C 285 15.34 -13.34 30.25
C ILE C 285 14.89 -11.95 29.78
N SER C 286 15.45 -10.89 30.38
CA SER C 286 15.14 -9.52 29.97
C SER C 286 15.52 -9.26 28.52
N PHE C 287 16.73 -9.66 28.15
CA PHE C 287 17.17 -9.57 26.77
C PHE C 287 16.20 -10.30 25.84
N MET C 288 15.83 -11.52 26.20
CA MET C 288 14.93 -12.28 25.32
C MET C 288 13.56 -11.62 25.22
N GLU C 289 12.97 -11.26 26.34
CA GLU C 289 11.61 -10.72 26.32
C GLU C 289 11.52 -9.30 25.73
N HIS C 290 12.58 -8.51 25.85
CA HIS C 290 12.52 -7.11 25.41
C HIS C 290 13.15 -6.88 24.04
N ILE C 291 14.10 -7.74 23.65
CA ILE C 291 14.82 -7.51 22.41
C ILE C 291 14.62 -8.64 21.40
N ALA C 292 14.97 -9.86 21.78
CA ALA C 292 14.99 -10.96 20.83
C ALA C 292 13.59 -11.41 20.45
N MET C 293 12.75 -11.70 21.43
CA MET C 293 11.40 -12.17 21.10
C MET C 293 10.57 -11.19 20.21
N PRO C 294 10.62 -9.88 20.48
CA PRO C 294 9.87 -8.96 19.61
C PRO C 294 10.39 -8.90 18.16
N ILE C 295 11.65 -9.24 17.97
CA ILE C 295 12.23 -9.31 16.63
C ILE C 295 11.69 -10.54 15.91
N TYR C 296 11.66 -11.69 16.58
CA TYR C 296 11.18 -12.91 15.93
C TYR C 296 9.66 -12.98 15.82
N LYS C 297 8.96 -12.24 16.68
CA LYS C 297 7.51 -12.12 16.53
C LYS C 297 7.18 -11.33 15.28
N LEU C 298 7.91 -10.25 15.04
CA LEU C 298 7.77 -9.47 13.81
C LEU C 298 8.07 -10.33 12.59
N LEU C 299 9.16 -11.09 12.67
CA LEU C 299 9.57 -11.95 11.58
C LEU C 299 8.46 -12.97 11.28
N GLN C 300 7.83 -13.48 12.35
CA GLN C 300 6.71 -14.39 12.20
C GLN C 300 5.48 -13.72 11.60
N ASP C 301 5.23 -12.48 12.00
CA ASP C 301 4.08 -11.73 11.49
C ASP C 301 4.23 -11.46 10.00
N LEU C 302 5.47 -11.47 9.52
CA LEU C 302 5.74 -11.19 8.12
C LEU C 302 5.89 -12.48 7.32
N PHE C 303 6.51 -13.48 7.91
CA PHE C 303 6.68 -14.80 7.29
C PHE C 303 6.09 -15.87 8.19
N PRO C 304 4.89 -16.36 7.86
CA PRO C 304 4.20 -17.39 8.64
C PRO C 304 5.12 -18.59 8.91
N LYS C 305 6.01 -18.88 7.97
CA LYS C 305 6.90 -20.03 8.10
C LYS C 305 8.04 -19.77 9.12
N ALA C 306 8.16 -18.54 9.61
CA ALA C 306 9.15 -18.25 10.66
C ALA C 306 8.56 -18.43 12.07
N ALA C 307 7.34 -18.94 12.12
CA ALA C 307 6.65 -19.12 13.39
C ALA C 307 7.46 -20.01 14.34
N GLU C 308 8.09 -21.04 13.79
CA GLU C 308 8.88 -21.96 14.61
C GLU C 308 10.09 -21.28 15.27
N LEU C 309 10.63 -20.26 14.59
CA LEU C 309 11.75 -19.50 15.13
C LEU C 309 11.31 -18.75 16.38
N TYR C 310 10.17 -18.10 16.32
CA TYR C 310 9.65 -17.35 17.46
C TYR C 310 9.26 -18.30 18.59
N GLU C 311 8.69 -19.44 18.24
CA GLU C 311 8.27 -20.40 19.26
C GLU C 311 9.47 -20.99 19.97
N ARG C 312 10.57 -21.20 19.25
CA ARG C 312 11.78 -21.71 19.85
C ARG C 312 12.42 -20.73 20.84
N VAL C 313 12.45 -19.45 20.46
CA VAL C 313 12.99 -18.40 21.33
C VAL C 313 12.17 -18.32 22.61
N ALA C 314 10.85 -18.36 22.45
CA ALA C 314 9.94 -18.36 23.59
C ALA C 314 10.18 -19.59 24.47
N SER C 315 10.42 -20.72 23.83
CA SER C 315 10.69 -21.97 24.53
C SER C 315 11.98 -21.85 25.34
N ASN C 316 13.02 -21.32 24.71
CA ASN C 316 14.30 -21.15 25.37
C ASN C 316 14.18 -20.16 26.52
N ARG C 317 13.40 -19.10 26.31
CA ARG C 317 13.06 -18.16 27.37
C ARG C 317 12.48 -18.88 28.59
N GLU C 318 11.49 -19.74 28.35
CA GLU C 318 10.88 -20.51 29.42
C GLU C 318 11.91 -21.39 30.13
N HIS C 319 12.82 -21.96 29.35
CA HIS C 319 13.85 -22.82 29.91
C HIS C 319 14.74 -22.05 30.89
N TRP C 320 15.00 -20.79 30.57
CA TRP C 320 15.81 -19.97 31.43
C TRP C 320 15.13 -19.74 32.78
N THR C 321 13.82 -19.56 32.75
CA THR C 321 13.04 -19.40 33.98
C THR C 321 13.11 -20.69 34.78
N LYS C 322 12.96 -21.80 34.06
CA LYS C 322 12.98 -23.15 34.64
C LYS C 322 14.26 -23.43 35.44
N VAL C 323 15.39 -22.91 34.98
CA VAL C 323 16.69 -23.21 35.58
C VAL C 323 17.26 -22.08 36.44
N SER C 324 16.54 -20.97 36.53
CA SER C 324 17.06 -19.78 37.21
C SER C 324 17.44 -20.09 38.66
N HIS C 325 16.67 -20.98 39.27
CA HIS C 325 16.88 -21.39 40.66
C HIS C 325 18.24 -22.04 40.88
N LYS C 326 18.87 -22.50 39.80
CA LYS C 326 20.18 -23.14 39.93
C LYS C 326 21.28 -22.13 40.26
N PHE C 327 21.01 -20.84 40.11
CA PHE C 327 22.01 -19.83 40.41
C PHE C 327 22.06 -19.53 41.91
N THR C 328 21.26 -20.27 42.66
CA THR C 328 21.35 -20.22 44.12
C THR C 328 22.20 -21.40 44.58
N ILE C 329 23.27 -21.10 45.32
CA ILE C 329 24.20 -22.10 45.81
C ILE C 329 23.53 -23.05 46.82
N ARG C 330 23.33 -24.30 46.40
CA ARG C 330 22.94 -25.38 47.32
C ARG C 330 24.20 -26.12 47.77
N GLY C 331 24.20 -26.63 48.99
CA GLY C 331 25.39 -27.27 49.50
C GLY C 331 26.46 -26.23 49.76
N LEU C 332 27.72 -26.66 49.64
CA LEU C 332 28.85 -25.74 49.78
C LEU C 332 29.33 -25.30 48.41
N PRO C 333 30.02 -24.14 48.33
CA PRO C 333 30.66 -23.74 47.08
C PRO C 333 31.67 -24.79 46.60
N SER C 334 32.18 -24.61 45.39
CA SER C 334 33.07 -25.58 44.77
C SER C 334 34.32 -25.85 45.57
N ASN C 335 34.72 -24.91 46.42
CA ASN C 335 35.94 -25.03 47.19
C ASN C 335 35.72 -25.46 48.65
N ASN C 336 34.49 -25.86 48.97
CA ASN C 336 34.13 -26.30 50.32
C ASN C 336 34.34 -25.24 51.41
N SER C 337 34.35 -23.98 51.01
CA SER C 337 34.60 -22.89 51.94
C SER C 337 33.43 -21.91 51.98
N LEU C 338 33.14 -21.41 53.18
CA LEU C 338 32.16 -20.34 53.35
C LEU C 338 32.84 -19.02 53.63
N ASP C 339 34.15 -18.98 53.40
CA ASP C 339 34.95 -17.77 53.63
C ASP C 339 34.36 -16.59 52.87
N PHE C 340 33.73 -16.87 51.72
CA PHE C 340 33.22 -15.81 50.86
C PHE C 340 32.15 -14.96 51.55
N LEU C 341 31.44 -15.57 52.51
CA LEU C 341 30.58 -14.81 53.40
C LEU C 341 31.45 -13.88 54.25
C4 EOS D . -18.37 -14.13 6.03
C5 EOS D . -18.88 -13.66 7.22
C6 EOS D . -19.12 -14.48 8.30
C8 EOS D . -17.56 -18.21 5.86
C17 EOS D . -17.15 -14.16 3.15
C20 EOS D . -16.91 -11.50 2.41
C21 EOS D . -16.10 -11.99 3.41
C22 EOS D . -16.23 -13.31 3.76
C26 EOS D . -20.38 -12.38 -0.52
C28 EOS D . -20.97 -13.56 -1.28
C1 EOS D . -18.83 -15.83 8.18
C18 EOS D . -17.95 -13.66 2.13
C2 EOS D . -18.31 -16.33 7.01
C3 EOS D . -18.09 -15.47 5.96
C19 EOS D . -17.81 -12.32 1.79
C16 EOS D . -17.21 -15.53 3.56
C9 EOS D . -17.32 -17.37 4.72
C11 EOS D . -19.20 -12.24 7.30
C12 EOS D . -17.26 -19.66 5.76
C27 EOS D . -21.23 -12.08 0.69
C30 EOS D . -20.76 -10.66 8.29
C25 EOS D . -18.98 -12.73 -0.09
N15 EOS D . -16.78 -16.52 2.81
N14 EOS D . -16.86 -17.68 3.53
N7 EOS D . -18.04 -17.70 6.95
N10 EOS D . -17.57 -16.04 4.79
N29 EOS D . -20.24 -12.00 8.15
O13 EOS D . -18.63 -11.40 6.61
O24 EOS D . -18.57 -11.72 0.80
CL3 EOS D . -15.16 -13.83 5.01
ZN ZN E . -13.83 -13.70 -2.23
MG MG F . -14.38 -9.85 -1.25
C4 EOS G . -15.32 27.44 -17.51
C5 EOS G . -16.32 27.32 -18.45
C6 EOS G . -16.51 28.22 -19.47
C8 EOS G . -12.89 30.78 -17.91
C17 EOS G . -13.33 26.85 -15.07
C20 EOS G . -14.02 24.53 -13.77
C21 EOS G . -13.47 24.46 -15.03
C22 EOS G . -13.12 25.64 -15.69
C26 EOS G . -15.99 25.15 -10.13
C28 EOS G . -16.92 26.34 -10.21
C1 EOS G . -15.67 29.30 -19.55
C18 EOS G . -13.87 26.91 -13.81
C2 EOS G . -14.66 29.47 -18.63
C3 EOS G . -14.50 28.53 -17.62
C19 EOS G . -14.23 25.76 -13.16
C16 EOS G . -12.96 28.11 -15.64
C9 EOS G . -12.67 29.87 -16.86
C11 EOS G . -17.20 26.16 -18.33
C12 EOS G . -11.99 31.96 -18.01
C27 EOS G . -14.82 25.55 -9.26
C30 EOS G . -19.46 25.46 -18.77
C25 EOS G . -15.48 24.78 -11.50
N15 EOS G . -11.96 28.79 -15.15
N14 EOS G . -11.77 29.91 -15.91
N7 EOS G . -13.85 30.58 -18.76
N10 EOS G . -13.46 28.76 -16.74
N29 EOS G . -18.51 26.50 -18.47
O13 EOS G . -16.73 25.05 -18.09
O24 EOS G . -14.75 25.93 -11.88
CL3 EOS G . -12.43 25.56 -17.29
ZN ZN H . -8.78 24.85 -11.06
MG MG I . -10.74 21.43 -11.64
C4 EOS J . 23.02 -7.83 24.21
C5 EOS J . 22.76 -7.11 25.35
C6 EOS J . 22.35 -7.72 26.52
C8 EOS J . 22.51 -11.94 24.43
C17 EOS J . 24.00 -8.51 21.26
C20 EOS J . 25.06 -6.22 20.11
C21 EOS J . 25.69 -6.80 21.18
C22 EOS J . 25.15 -7.94 21.75
C26 EOS J . 21.05 -5.87 18.18
C28 EOS J . 20.51 -5.85 19.58
C1 EOS J . 22.19 -9.08 26.53
C18 EOS J . 23.36 -7.92 20.18
C2 EOS J . 22.45 -9.83 25.41
C3 EOS J . 22.86 -9.19 24.26
C19 EOS J . 23.90 -6.77 19.64
C16 EOS J . 23.53 -9.74 21.86
C9 EOS J . 22.92 -11.34 23.21
C11 EOS J . 22.90 -5.65 25.32
C12 EOS J . 22.34 -13.42 24.46
C27 EOS J . 19.99 -6.31 17.20
C30 EOS J . 21.24 -3.98 26.02
C25 EOS J . 22.19 -6.86 18.16
N15 EOS J . 23.59 -10.87 21.21
N14 EOS J . 23.19 -11.88 22.05
N7 EOS J . 22.27 -11.23 25.49
N10 EOS J . 23.11 -9.99 23.15
N29 EOS J . 22.12 -5.08 26.30
O13 EOS J . 23.62 -5.10 24.50
O24 EOS J . 23.34 -6.12 18.54
CL3 EOS J . 26.01 -8.62 23.08
ZN ZN K . 26.81 -9.48 15.80
MG MG L . 27.55 -5.55 16.40
#